data_6IVE
#
_entry.id   6IVE
#
_cell.length_a   48.687
_cell.length_b   69.232
_cell.length_c   83.334
_cell.angle_alpha   75.22
_cell.angle_beta   74.39
_cell.angle_gamma   89.20
#
_symmetry.space_group_name_H-M   'P 1'
#
loop_
_entity.id
_entity.type
_entity.pdbx_description
1 polymer 'Ferripyochelin-binding protein'
2 non-polymer 'ZINC ION'
3 non-polymer 'PHOSPHATE ION'
4 water water
#
_entity_poly.entity_id   1
_entity_poly.type   'polypeptide(L)'
_entity_poly.pdbx_seq_one_letter_code
;GSMSVYRFEDKTPAVHPTAFIAPGAYVVGAVEVGEGASIWFGAVVRGDLERVVVGPGTNVQDGAVLHADPGFPCLLGPEV
TVGHRAVVHGAVVEEGALVGMGAVVLNGARIGKNAVVGAGAVVPPGMEVPEGRLALGVPARVVRPIDPPGNAPRYRALAE
RYRKALFPVAT
;
_entity_poly.pdbx_strand_id   A,B,C,D,E,F
#
loop_
_chem_comp.id
_chem_comp.type
_chem_comp.name
_chem_comp.formula
PO4 non-polymer 'PHOSPHATE ION' 'O4 P -3'
ZN non-polymer 'ZINC ION' 'Zn 2'
#
# COMPACT_ATOMS: atom_id res chain seq x y z
N SER A 4 25.40 8.07 10.40
CA SER A 4 24.41 7.76 11.43
C SER A 4 23.79 9.02 12.02
N VAL A 5 23.82 9.12 13.35
CA VAL A 5 23.30 10.27 14.09
C VAL A 5 24.49 11.08 14.60
N TYR A 6 24.39 12.41 14.49
CA TYR A 6 25.53 13.29 14.72
C TYR A 6 25.22 14.36 15.75
N ARG A 7 26.13 14.54 16.69
CA ARG A 7 26.04 15.62 17.66
C ARG A 7 26.85 16.81 17.15
N PHE A 8 26.17 17.92 16.91
CA PHE A 8 26.83 19.19 16.59
C PHE A 8 26.98 19.97 17.89
N GLU A 9 28.22 20.30 18.24
CA GLU A 9 28.55 20.93 19.52
C GLU A 9 27.92 20.16 20.67
N ASP A 10 26.91 20.72 21.33
CA ASP A 10 26.22 20.05 22.42
C ASP A 10 24.79 19.68 22.06
N LYS A 11 24.45 19.67 20.78
CA LYS A 11 23.10 19.38 20.32
C LYS A 11 23.07 17.94 19.82
N THR A 12 22.31 17.10 20.53
CA THR A 12 22.22 15.68 20.22
C THR A 12 20.83 15.32 19.76
N PRO A 13 20.68 14.68 18.60
CA PRO A 13 19.34 14.24 18.18
C PRO A 13 18.75 13.26 19.19
N ALA A 14 17.45 13.40 19.41
CA ALA A 14 16.69 12.49 20.28
C ALA A 14 15.81 11.65 19.36
N VAL A 15 16.20 10.40 19.15
CA VAL A 15 15.51 9.49 18.24
C VAL A 15 14.86 8.38 19.05
N HIS A 16 13.57 8.17 18.81
CA HIS A 16 12.87 7.10 19.49
C HIS A 16 13.37 5.75 19.00
N PRO A 17 13.55 4.77 19.89
CA PRO A 17 14.10 3.47 19.44
C PRO A 17 13.25 2.73 18.42
N THR A 18 11.95 3.05 18.28
CA THR A 18 11.17 2.43 17.22
C THR A 18 11.31 3.14 15.88
N ALA A 19 12.06 4.24 15.82
CA ALA A 19 12.26 4.96 14.57
C ALA A 19 13.31 4.26 13.71
N PHE A 20 13.15 4.40 12.40
CA PHE A 20 14.04 3.78 11.43
C PHE A 20 14.88 4.86 10.75
N ILE A 21 16.19 4.78 10.92
CA ILE A 21 17.13 5.68 10.26
C ILE A 21 17.88 4.84 9.23
N ALA A 22 17.63 5.11 7.95
CA ALA A 22 18.22 4.31 6.89
C ALA A 22 19.71 4.62 6.75
N PRO A 23 20.50 3.65 6.29
CA PRO A 23 21.89 3.94 5.94
C PRO A 23 21.98 5.06 4.90
N GLY A 24 22.99 5.92 5.07
CA GLY A 24 23.13 7.07 4.21
C GLY A 24 22.31 8.27 4.58
N ALA A 25 21.44 8.16 5.58
CA ALA A 25 20.71 9.30 6.09
C ALA A 25 21.51 9.99 7.18
N TYR A 26 21.29 11.29 7.33
CA TYR A 26 22.05 12.09 8.29
C TYR A 26 21.09 12.90 9.14
N VAL A 27 21.09 12.60 10.44
CA VAL A 27 20.33 13.33 11.44
C VAL A 27 21.34 14.03 12.33
N VAL A 28 21.34 15.35 12.31
CA VAL A 28 22.42 16.16 12.87
C VAL A 28 21.84 17.22 13.79
N GLY A 29 22.30 17.25 15.03
CA GLY A 29 22.11 18.42 15.88
C GLY A 29 20.77 18.40 16.59
N ALA A 30 20.11 19.56 16.60
CA ALA A 30 18.90 19.80 17.39
C ALA A 30 17.68 19.23 16.65
N VAL A 31 17.57 17.90 16.70
CA VAL A 31 16.52 17.18 15.99
C VAL A 31 15.82 16.24 16.96
N GLU A 32 14.50 16.15 16.85
CA GLU A 32 13.71 15.17 17.58
C GLU A 32 12.98 14.30 16.57
N VAL A 33 13.10 12.99 16.72
CA VAL A 33 12.48 12.02 15.82
C VAL A 33 11.64 11.09 16.66
N GLY A 34 10.33 11.08 16.41
CA GLY A 34 9.37 10.45 17.29
C GLY A 34 9.17 8.97 17.01
N GLU A 35 8.26 8.39 17.79
CA GLU A 35 7.93 6.97 17.70
C GLU A 35 7.41 6.62 16.31
N GLY A 36 7.90 5.50 15.78
CA GLY A 36 7.43 5.01 14.49
C GLY A 36 7.78 5.88 13.31
N ALA A 37 8.62 6.89 13.49
CA ALA A 37 9.06 7.72 12.37
C ALA A 37 10.11 6.98 11.56
N SER A 38 10.41 7.52 10.38
CA SER A 38 11.39 6.89 9.50
C SER A 38 12.08 7.96 8.66
N ILE A 39 13.40 7.84 8.54
CA ILE A 39 14.20 8.75 7.73
C ILE A 39 15.01 7.91 6.77
N TRP A 40 14.82 8.12 5.47
CA TRP A 40 15.21 7.15 4.46
C TRP A 40 16.54 7.53 3.82
N PHE A 41 16.97 6.68 2.88
CA PHE A 41 18.32 6.72 2.34
C PHE A 41 18.63 8.10 1.74
N GLY A 42 19.77 8.66 2.13
CA GLY A 42 20.21 9.93 1.57
C GLY A 42 19.47 11.15 2.07
N ALA A 43 18.49 10.99 2.96
CA ALA A 43 17.84 12.15 3.54
C ALA A 43 18.77 12.84 4.54
N VAL A 44 18.55 14.14 4.71
CA VAL A 44 19.36 14.95 5.62
C VAL A 44 18.42 15.74 6.52
N VAL A 45 18.54 15.54 7.83
CA VAL A 45 17.76 16.27 8.82
C VAL A 45 18.75 17.00 9.73
N ARG A 46 18.80 18.31 9.62
CA ARG A 46 19.81 19.11 10.29
C ARG A 46 19.16 20.22 11.09
N GLY A 47 19.49 20.28 12.37
CA GLY A 47 19.04 21.37 13.23
C GLY A 47 20.20 21.98 13.98
N ASP A 48 20.57 23.21 13.63
CA ASP A 48 21.68 23.87 14.30
C ASP A 48 21.28 25.28 14.76
N LEU A 49 21.01 26.18 13.82
CA LEU A 49 20.56 27.51 14.18
C LEU A 49 19.10 27.53 14.63
N GLU A 50 18.38 26.43 14.46
CA GLU A 50 16.99 26.29 14.87
C GLU A 50 16.62 24.81 14.82
N ARG A 51 15.69 24.42 15.68
CA ARG A 51 15.39 23.01 15.90
C ARG A 51 14.47 22.45 14.83
N VAL A 52 14.52 21.12 14.68
CA VAL A 52 13.67 20.38 13.74
C VAL A 52 12.99 19.26 14.52
N VAL A 53 11.68 19.10 14.29
CA VAL A 53 10.90 18.04 14.93
C VAL A 53 10.31 17.15 13.84
N VAL A 54 10.53 15.84 13.98
CA VAL A 54 9.92 14.83 13.13
C VAL A 54 8.96 14.04 14.02
N GLY A 55 7.67 14.35 13.91
CA GLY A 55 6.66 13.78 14.79
C GLY A 55 6.53 12.27 14.67
N PRO A 56 5.70 11.69 15.53
CA PRO A 56 5.51 10.24 15.50
C PRO A 56 4.88 9.77 14.19
N GLY A 57 5.39 8.66 13.67
CA GLY A 57 4.84 8.10 12.44
C GLY A 57 5.05 8.93 11.20
N THR A 58 6.01 9.85 11.23
CA THR A 58 6.31 10.70 10.08
C THR A 58 7.48 10.11 9.31
N ASN A 59 7.33 10.00 8.00
CA ASN A 59 8.38 9.46 7.14
C ASN A 59 9.01 10.57 6.32
N VAL A 60 10.34 10.59 6.30
CA VAL A 60 11.12 11.55 5.52
C VAL A 60 11.86 10.74 4.46
N GLN A 61 11.38 10.82 3.22
CA GLN A 61 11.77 9.86 2.20
C GLN A 61 13.15 10.19 1.62
N ASP A 62 13.58 9.34 0.67
CA ASP A 62 14.95 9.38 0.18
C ASP A 62 15.30 10.73 -0.43
N GLY A 63 16.46 11.25 -0.06
CA GLY A 63 16.96 12.49 -0.62
C GLY A 63 16.27 13.74 -0.15
N ALA A 64 15.32 13.64 0.78
CA ALA A 64 14.68 14.83 1.31
C ALA A 64 15.64 15.59 2.23
N VAL A 65 15.33 16.87 2.44
CA VAL A 65 16.14 17.73 3.30
C VAL A 65 15.21 18.49 4.24
N LEU A 66 15.50 18.42 5.54
CA LEU A 66 14.84 19.24 6.54
C LEU A 66 15.86 20.21 7.13
N HIS A 67 15.49 21.48 7.25
CA HIS A 67 16.31 22.45 7.92
C HIS A 67 15.40 23.55 8.47
N ALA A 68 16.00 24.48 9.22
CA ALA A 68 15.24 25.54 9.86
C ALA A 68 16.10 26.77 10.01
N ASP A 69 15.45 27.93 10.01
CA ASP A 69 16.07 29.23 10.27
C ASP A 69 15.62 29.76 11.61
N PRO A 70 16.38 30.69 12.20
CA PRO A 70 15.97 31.27 13.49
C PRO A 70 14.56 31.82 13.44
N GLY A 71 13.75 31.46 14.44
CA GLY A 71 12.36 31.85 14.49
C GLY A 71 11.45 31.05 13.59
N PHE A 72 12.00 30.15 12.76
CA PHE A 72 11.22 29.27 11.90
C PHE A 72 11.67 27.83 12.14
N PRO A 73 11.22 27.21 13.23
CA PRO A 73 11.52 25.78 13.42
C PRO A 73 10.78 24.94 12.40
N CYS A 74 11.37 23.80 12.07
CA CYS A 74 10.76 22.86 11.12
C CYS A 74 10.03 21.80 11.93
N LEU A 75 8.71 21.92 12.00
CA LEU A 75 7.88 21.12 12.90
C LEU A 75 6.96 20.24 12.06
N LEU A 76 7.32 18.95 11.94
CA LEU A 76 6.48 17.99 11.26
C LEU A 76 5.58 17.31 12.29
N GLY A 77 4.26 17.43 12.09
CA GLY A 77 3.32 16.80 12.97
C GLY A 77 3.36 15.28 12.82
N PRO A 78 2.49 14.59 13.57
CA PRO A 78 2.45 13.13 13.48
C PRO A 78 1.82 12.67 12.18
N GLU A 79 2.24 11.48 11.73
CA GLU A 79 1.68 10.83 10.53
C GLU A 79 1.80 11.73 9.30
N VAL A 80 2.95 12.39 9.16
CA VAL A 80 3.25 13.26 8.03
C VAL A 80 4.14 12.51 7.06
N THR A 81 4.01 12.83 5.78
CA THR A 81 4.86 12.27 4.75
C THR A 81 5.62 13.39 4.03
N VAL A 82 6.93 13.23 3.93
CA VAL A 82 7.79 14.14 3.16
C VAL A 82 8.38 13.33 2.01
N GLY A 83 7.85 13.53 0.81
CA GLY A 83 8.19 12.69 -0.32
C GLY A 83 9.66 12.80 -0.73
N HIS A 84 10.05 11.89 -1.64
CA HIS A 84 11.42 11.83 -2.12
C HIS A 84 11.90 13.19 -2.58
N ARG A 85 13.11 13.56 -2.18
CA ARG A 85 13.81 14.75 -2.67
C ARG A 85 13.05 16.04 -2.37
N ALA A 86 12.18 16.04 -1.36
CA ALA A 86 11.49 17.26 -0.97
C ALA A 86 12.35 18.06 -0.01
N VAL A 87 12.13 19.38 0.00
CA VAL A 87 12.78 20.28 0.93
C VAL A 87 11.69 20.94 1.76
N VAL A 88 11.75 20.73 3.06
CA VAL A 88 10.86 21.39 4.01
C VAL A 88 11.74 22.23 4.91
N HIS A 89 11.60 23.55 4.82
CA HIS A 89 12.52 24.47 5.47
C HIS A 89 11.75 25.39 6.40
N GLY A 90 11.89 25.17 7.70
CA GLY A 90 11.35 26.09 8.70
C GLY A 90 9.85 26.26 8.63
N ALA A 91 9.11 25.22 8.27
CA ALA A 91 7.67 25.30 8.12
C ALA A 91 7.00 24.37 9.12
N VAL A 92 5.69 24.55 9.26
CA VAL A 92 4.86 23.71 10.12
C VAL A 92 3.99 22.85 9.23
N VAL A 93 4.12 21.53 9.37
CA VAL A 93 3.33 20.57 8.61
C VAL A 93 2.51 19.76 9.62
N GLU A 94 1.19 19.87 9.53
CA GLU A 94 0.33 19.30 10.54
C GLU A 94 -0.03 17.86 10.21
N GLU A 95 -0.76 17.23 11.13
CA GLU A 95 -0.99 15.78 11.09
C GLU A 95 -1.63 15.35 9.78
N GLY A 96 -1.14 14.24 9.23
CA GLY A 96 -1.71 13.62 8.05
C GLY A 96 -1.36 14.28 6.73
N ALA A 97 -0.62 15.38 6.75
CA ALA A 97 -0.32 16.10 5.51
C ALA A 97 0.76 15.38 4.72
N LEU A 98 0.83 15.70 3.43
CA LEU A 98 1.82 15.15 2.51
C LEU A 98 2.50 16.29 1.77
N VAL A 99 3.83 16.33 1.85
CA VAL A 99 4.63 17.23 1.03
C VAL A 99 5.15 16.42 -0.14
N GLY A 100 4.61 16.71 -1.34
CA GLY A 100 4.88 15.88 -2.49
C GLY A 100 6.35 15.78 -2.83
N MET A 101 6.70 14.70 -3.52
CA MET A 101 8.09 14.46 -3.86
C MET A 101 8.60 15.57 -4.78
N GLY A 102 9.80 16.05 -4.49
CA GLY A 102 10.38 17.14 -5.24
C GLY A 102 9.86 18.52 -4.90
N ALA A 103 8.95 18.64 -3.93
CA ALA A 103 8.41 19.94 -3.57
C ALA A 103 9.37 20.69 -2.65
N VAL A 104 9.13 22.00 -2.53
CA VAL A 104 9.88 22.86 -1.63
C VAL A 104 8.89 23.67 -0.82
N VAL A 105 8.97 23.56 0.50
CA VAL A 105 8.14 24.32 1.42
C VAL A 105 9.05 25.26 2.19
N LEU A 106 8.81 26.56 2.08
CA LEU A 106 9.74 27.57 2.57
C LEU A 106 9.35 28.04 3.97
N ASN A 107 10.16 28.96 4.50
CA ASN A 107 10.06 29.35 5.91
C ASN A 107 8.69 29.93 6.25
N GLY A 108 8.18 29.56 7.42
CA GLY A 108 6.93 30.09 7.91
C GLY A 108 5.69 29.57 7.23
N ALA A 109 5.83 28.77 6.17
CA ALA A 109 4.66 28.17 5.54
C ALA A 109 3.99 27.20 6.49
N ARG A 110 2.70 26.97 6.25
CA ARG A 110 1.85 26.19 7.16
C ARG A 110 1.02 25.24 6.32
N ILE A 111 1.30 23.94 6.43
CA ILE A 111 0.56 22.92 5.70
C ILE A 111 -0.45 22.31 6.67
N GLY A 112 -1.74 22.54 6.40
CA GLY A 112 -2.78 22.11 7.29
C GLY A 112 -2.96 20.60 7.32
N LYS A 113 -3.79 20.16 8.27
CA LYS A 113 -4.04 18.74 8.45
C LYS A 113 -4.55 18.10 7.16
N ASN A 114 -3.93 16.99 6.78
CA ASN A 114 -4.35 16.17 5.64
C ASN A 114 -4.28 16.94 4.32
N ALA A 115 -3.58 18.06 4.29
CA ALA A 115 -3.39 18.81 3.06
C ALA A 115 -2.29 18.16 2.22
N VAL A 116 -2.28 18.48 0.93
CA VAL A 116 -1.32 17.93 -0.01
C VAL A 116 -0.59 19.07 -0.71
N VAL A 117 0.74 19.03 -0.65
CA VAL A 117 1.58 19.86 -1.49
C VAL A 117 1.96 19.03 -2.71
N GLY A 118 1.56 19.48 -3.90
CA GLY A 118 1.81 18.72 -5.10
C GLY A 118 3.27 18.50 -5.36
N ALA A 119 3.56 17.44 -6.12
CA ALA A 119 4.93 17.13 -6.50
C ALA A 119 5.58 18.31 -7.20
N GLY A 120 6.81 18.63 -6.80
CA GLY A 120 7.55 19.71 -7.41
C GLY A 120 7.00 21.10 -7.17
N ALA A 121 5.98 21.25 -6.34
CA ALA A 121 5.44 22.57 -6.05
C ALA A 121 6.34 23.31 -5.07
N VAL A 122 6.36 24.63 -5.18
CA VAL A 122 7.17 25.49 -4.32
C VAL A 122 6.21 26.36 -3.51
N VAL A 123 6.14 26.11 -2.21
CA VAL A 123 5.25 26.84 -1.31
C VAL A 123 6.00 28.07 -0.81
N PRO A 124 5.57 29.28 -1.18
CA PRO A 124 6.29 30.50 -0.80
C PRO A 124 6.35 30.65 0.70
N PRO A 125 7.26 31.50 1.21
CA PRO A 125 7.33 31.70 2.66
C PRO A 125 6.03 32.28 3.21
N GLY A 126 5.55 31.69 4.31
CA GLY A 126 4.39 32.17 5.01
C GLY A 126 3.06 31.66 4.50
N MET A 127 3.00 31.09 3.30
CA MET A 127 1.74 30.69 2.71
C MET A 127 1.06 29.60 3.54
N GLU A 128 -0.26 29.73 3.70
CA GLU A 128 -1.07 28.73 4.37
C GLU A 128 -1.70 27.81 3.34
N VAL A 129 -1.54 26.50 3.54
CA VAL A 129 -2.31 25.50 2.82
C VAL A 129 -3.39 24.99 3.76
N PRO A 130 -4.66 25.35 3.56
CA PRO A 130 -5.70 24.96 4.52
C PRO A 130 -5.84 23.45 4.62
N GLU A 131 -6.48 23.03 5.71
CA GLU A 131 -6.71 21.62 5.97
C GLU A 131 -7.46 20.96 4.80
N GLY A 132 -6.98 19.78 4.39
CA GLY A 132 -7.67 18.97 3.42
C GLY A 132 -7.63 19.48 2.00
N ARG A 133 -6.64 20.29 1.65
CA ARG A 133 -6.61 20.97 0.35
C ARG A 133 -5.31 20.69 -0.39
N LEU A 134 -5.38 20.77 -1.71
CA LEU A 134 -4.24 20.55 -2.59
C LEU A 134 -3.70 21.88 -3.08
N ALA A 135 -2.39 22.07 -2.91
CA ALA A 135 -1.69 23.24 -3.41
C ALA A 135 -0.64 22.77 -4.41
N LEU A 136 -0.62 23.38 -5.60
CA LEU A 136 0.34 22.98 -6.60
C LEU A 136 0.76 24.19 -7.42
N GLY A 137 1.93 24.06 -8.06
CA GLY A 137 2.45 25.07 -8.95
C GLY A 137 3.73 25.69 -8.44
N VAL A 138 4.33 26.49 -9.32
CA VAL A 138 5.51 27.29 -8.98
C VAL A 138 5.23 28.74 -9.38
N PRO A 139 4.87 29.58 -8.39
CA PRO A 139 4.70 29.24 -6.98
C PRO A 139 3.41 28.47 -6.70
N ALA A 140 3.32 27.88 -5.51
CA ALA A 140 2.17 27.05 -5.17
C ALA A 140 0.91 27.87 -5.04
N ARG A 141 -0.23 27.19 -5.12
CA ARG A 141 -1.52 27.86 -5.08
C ARG A 141 -2.59 26.84 -4.73
N VAL A 142 -3.48 27.21 -3.80
CA VAL A 142 -4.54 26.30 -3.36
C VAL A 142 -5.52 26.09 -4.51
N VAL A 143 -5.76 24.83 -4.86
CA VAL A 143 -6.52 24.47 -6.04
C VAL A 143 -7.89 23.90 -5.69
N ARG A 144 -7.93 22.92 -4.78
CA ARG A 144 -9.16 22.19 -4.54
C ARG A 144 -9.07 21.36 -3.27
N PRO A 145 -10.19 20.86 -2.75
CA PRO A 145 -10.11 19.82 -1.71
C PRO A 145 -9.50 18.56 -2.29
N ILE A 146 -8.86 17.78 -1.42
CA ILE A 146 -8.20 16.56 -1.83
C ILE A 146 -8.37 15.50 -0.75
N ASP A 147 -8.50 14.25 -1.17
CA ASP A 147 -8.67 13.16 -0.23
C ASP A 147 -7.40 12.99 0.62
N PRO A 148 -7.54 12.62 1.89
CA PRO A 148 -6.38 12.54 2.78
C PRO A 148 -5.38 11.52 2.27
N PRO A 149 -4.10 11.86 2.28
CA PRO A 149 -3.07 10.91 1.81
C PRO A 149 -2.96 9.72 2.75
N GLY A 150 -2.58 8.58 2.18
CA GLY A 150 -2.44 7.37 2.97
C GLY A 150 -1.01 6.90 3.06
N ASN A 151 -0.05 7.77 2.73
CA ASN A 151 1.34 7.37 2.66
C ASN A 151 1.91 7.04 4.04
N ALA A 152 1.47 7.75 5.08
CA ALA A 152 2.05 7.55 6.41
C ALA A 152 1.81 6.15 6.96
N PRO A 153 0.58 5.59 6.94
CA PRO A 153 0.44 4.19 7.39
C PRO A 153 1.22 3.21 6.55
N ARG A 154 1.37 3.48 5.26
CA ARG A 154 2.22 2.65 4.42
C ARG A 154 3.66 2.67 4.90
N TYR A 155 4.16 3.83 5.30
CA TYR A 155 5.57 3.93 5.67
C TYR A 155 5.83 3.54 7.12
N ARG A 156 4.83 3.60 8.00
CA ARG A 156 4.98 2.98 9.31
C ARG A 156 5.25 1.47 9.16
N ALA A 157 4.48 0.81 8.29
CA ALA A 157 4.65 -0.63 8.11
C ALA A 157 5.91 -0.95 7.32
N LEU A 158 6.17 -0.18 6.26
CA LEU A 158 7.38 -0.42 5.47
C LEU A 158 8.63 -0.18 6.30
N ALA A 159 8.60 0.79 7.20
CA ALA A 159 9.75 1.04 8.07
C ALA A 159 10.00 -0.13 9.02
N GLU A 160 8.93 -0.68 9.60
CA GLU A 160 9.11 -1.80 10.52
C GLU A 160 9.68 -3.02 9.80
N ARG A 161 9.26 -3.24 8.55
CA ARG A 161 9.86 -4.32 7.76
C ARG A 161 11.34 -4.06 7.51
N TYR A 162 11.70 -2.81 7.24
CA TYR A 162 13.11 -2.48 7.03
C TYR A 162 13.91 -2.63 8.33
N ARG A 163 13.29 -2.32 9.47
CA ARG A 163 13.98 -2.52 10.74
C ARG A 163 14.22 -3.99 11.01
N LYS A 164 13.39 -4.87 10.45
CA LYS A 164 13.54 -6.31 10.66
C LYS A 164 14.48 -6.97 9.66
N ALA A 165 14.56 -6.46 8.42
CA ALA A 165 15.26 -7.21 7.37
C ALA A 165 15.92 -6.24 6.38
N LEU A 166 16.99 -5.60 6.83
CA LEU A 166 17.84 -4.80 5.95
C LEU A 166 19.30 -5.21 6.18
N PHE A 167 19.94 -5.73 5.14
CA PHE A 167 21.29 -6.26 5.26
C PHE A 167 22.15 -5.72 4.13
N PRO A 168 23.31 -5.14 4.43
CA PRO A 168 24.22 -4.74 3.35
C PRO A 168 24.88 -5.96 2.72
N VAL A 169 25.02 -5.92 1.41
CA VAL A 169 25.62 -7.01 0.64
C VAL A 169 26.66 -6.41 -0.30
N ALA A 170 27.88 -6.95 -0.25
CA ALA A 170 28.98 -6.44 -1.05
C ALA A 170 28.97 -7.05 -2.44
N THR A 171 29.55 -6.31 -3.39
CA THR A 171 29.72 -6.80 -4.75
C THR A 171 31.12 -6.50 -5.26
N VAL B 5 36.79 12.67 0.09
CA VAL B 5 37.30 13.25 -1.15
C VAL B 5 37.83 12.15 -2.06
N TYR B 6 37.50 12.22 -3.35
CA TYR B 6 37.83 11.18 -4.32
C TYR B 6 38.59 11.76 -5.50
N ARG B 7 39.64 11.05 -5.91
CA ARG B 7 40.33 11.39 -7.14
C ARG B 7 39.76 10.59 -8.29
N PHE B 8 39.74 11.19 -9.47
CA PHE B 8 39.31 10.56 -10.71
C PHE B 8 40.46 10.66 -11.70
N GLU B 9 41.03 9.51 -12.07
CA GLU B 9 42.22 9.46 -12.90
C GLU B 9 43.31 10.36 -12.30
N ASP B 10 43.77 11.36 -13.04
CA ASP B 10 44.78 12.27 -12.53
C ASP B 10 44.19 13.52 -11.89
N LYS B 11 42.86 13.58 -11.73
CA LYS B 11 42.18 14.76 -11.20
C LYS B 11 41.94 14.58 -9.71
N THR B 12 42.64 15.37 -8.90
CA THR B 12 42.49 15.33 -7.46
C THR B 12 41.88 16.64 -6.97
N PRO B 13 40.88 16.61 -6.09
CA PRO B 13 40.34 17.86 -5.55
C PRO B 13 41.39 18.59 -4.71
N ALA B 14 41.39 19.91 -4.83
CA ALA B 14 42.30 20.77 -4.07
C ALA B 14 41.45 21.53 -3.06
N VAL B 15 41.45 21.07 -1.81
CA VAL B 15 40.57 21.58 -0.77
C VAL B 15 41.41 22.36 0.24
N HIS B 16 41.02 23.60 0.50
CA HIS B 16 41.69 24.41 1.50
C HIS B 16 41.50 23.80 2.89
N PRO B 17 42.51 23.91 3.76
CA PRO B 17 42.39 23.30 5.10
C PRO B 17 41.26 23.85 5.94
N THR B 18 40.86 25.10 5.73
CA THR B 18 39.77 25.70 6.51
C THR B 18 38.40 25.41 5.94
N ALA B 19 38.30 24.61 4.89
CA ALA B 19 37.01 24.27 4.30
C ALA B 19 36.37 23.11 5.04
N PHE B 20 35.06 23.18 5.19
CA PHE B 20 34.28 22.12 5.82
C PHE B 20 33.69 21.22 4.75
N ILE B 21 33.96 19.93 4.84
CA ILE B 21 33.36 18.93 3.96
C ILE B 21 32.64 17.94 4.86
N ALA B 22 31.31 18.03 4.91
CA ALA B 22 30.52 17.26 5.85
C ALA B 22 30.57 15.76 5.51
N PRO B 23 30.32 14.91 6.50
CA PRO B 23 30.15 13.49 6.22
C PRO B 23 29.00 13.28 5.24
N GLY B 24 29.21 12.38 4.28
CA GLY B 24 28.23 12.11 3.27
C GLY B 24 28.29 13.04 2.07
N ALA B 25 29.16 14.04 2.09
CA ALA B 25 29.42 14.84 0.90
C ALA B 25 30.44 14.13 0.02
N TYR B 26 30.35 14.36 -1.28
CA TYR B 26 31.22 13.71 -2.25
C TYR B 26 31.85 14.76 -3.15
N VAL B 27 33.13 15.03 -2.91
CA VAL B 27 33.93 15.93 -3.73
C VAL B 27 34.81 15.05 -4.61
N VAL B 28 34.61 15.11 -5.92
CA VAL B 28 35.16 14.11 -6.85
C VAL B 28 35.88 14.82 -7.99
N GLY B 29 37.15 14.49 -8.18
CA GLY B 29 37.88 14.88 -9.37
C GLY B 29 38.41 16.30 -9.42
N ALA B 30 38.19 16.97 -10.55
CA ALA B 30 38.78 18.27 -10.85
C ALA B 30 37.96 19.36 -10.16
N VAL B 31 38.15 19.47 -8.85
CA VAL B 31 37.38 20.40 -8.02
C VAL B 31 38.33 21.25 -7.18
N GLU B 32 38.03 22.55 -7.11
CA GLU B 32 38.70 23.47 -6.21
C GLU B 32 37.73 23.90 -5.13
N VAL B 33 38.18 23.88 -3.88
CA VAL B 33 37.37 24.32 -2.74
C VAL B 33 38.18 25.35 -1.97
N GLY B 34 37.67 26.59 -1.93
CA GLY B 34 38.44 27.70 -1.41
C GLY B 34 38.39 27.82 0.10
N GLU B 35 39.16 28.80 0.59
CA GLU B 35 39.22 29.09 2.01
C GLU B 35 37.83 29.38 2.57
N GLY B 36 37.52 28.79 3.73
CA GLY B 36 36.28 29.10 4.41
C GLY B 36 35.02 28.63 3.72
N ALA B 37 35.14 27.78 2.70
CA ALA B 37 33.98 27.22 2.01
C ALA B 37 33.46 26.00 2.76
N SER B 38 32.26 25.55 2.38
CA SER B 38 31.66 24.41 3.05
C SER B 38 30.78 23.63 2.08
N ILE B 39 30.90 22.31 2.14
CA ILE B 39 30.12 21.38 1.34
C ILE B 39 29.40 20.45 2.30
N TRP B 40 28.07 20.55 2.35
CA TRP B 40 27.31 19.99 3.45
C TRP B 40 26.79 18.58 3.12
N PHE B 41 26.05 18.00 4.06
CA PHE B 41 25.69 16.59 4.02
C PHE B 41 24.96 16.22 2.75
N GLY B 42 25.39 15.13 2.11
CA GLY B 42 24.72 14.62 0.93
C GLY B 42 24.99 15.37 -0.34
N ALA B 43 25.72 16.49 -0.29
CA ALA B 43 26.03 17.23 -1.51
C ALA B 43 27.02 16.47 -2.37
N VAL B 44 26.92 16.68 -3.69
CA VAL B 44 27.81 16.05 -4.64
C VAL B 44 28.44 17.13 -5.51
N VAL B 45 29.76 17.22 -5.49
CA VAL B 45 30.52 18.15 -6.31
C VAL B 45 31.43 17.32 -7.17
N ARG B 46 31.03 17.09 -8.43
CA ARG B 46 31.72 16.18 -9.34
C ARG B 46 32.31 16.97 -10.49
N GLY B 47 33.62 16.83 -10.70
CA GLY B 47 34.27 17.41 -11.85
C GLY B 47 35.15 16.40 -12.56
N ASP B 48 34.71 15.94 -13.74
CA ASP B 48 35.50 14.99 -14.53
C ASP B 48 35.84 15.57 -15.90
N LEU B 49 34.89 15.67 -16.81
CA LEU B 49 35.15 16.21 -18.14
C LEU B 49 35.29 17.72 -18.17
N GLU B 50 35.08 18.39 -17.04
CA GLU B 50 35.24 19.83 -16.93
C GLU B 50 35.39 20.18 -15.46
N ARG B 51 36.04 21.31 -15.19
CA ARG B 51 36.43 21.69 -13.84
C ARG B 51 35.30 22.38 -13.08
N VAL B 52 35.31 22.21 -11.76
CA VAL B 52 34.39 22.88 -10.85
C VAL B 52 35.21 23.68 -9.85
N VAL B 53 34.75 24.88 -9.53
CA VAL B 53 35.41 25.74 -8.56
C VAL B 53 34.38 26.20 -7.54
N VAL B 54 34.61 25.86 -6.27
CA VAL B 54 33.84 26.38 -5.16
C VAL B 54 34.67 27.49 -4.51
N GLY B 55 34.25 28.73 -4.71
CA GLY B 55 35.04 29.87 -4.29
C GLY B 55 35.16 29.98 -2.79
N PRO B 56 36.05 30.86 -2.33
CA PRO B 56 36.24 31.05 -0.88
C PRO B 56 34.94 31.51 -0.22
N GLY B 57 34.69 30.96 0.96
CA GLY B 57 33.52 31.35 1.73
C GLY B 57 32.19 30.98 1.12
N THR B 58 32.18 30.06 0.16
CA THR B 58 30.96 29.64 -0.53
C THR B 58 30.47 28.34 0.09
N ASN B 59 29.17 28.28 0.38
CA ASN B 59 28.57 27.08 0.96
C ASN B 59 27.70 26.38 -0.08
N VAL B 60 27.93 25.08 -0.23
CA VAL B 60 27.10 24.22 -1.06
C VAL B 60 26.30 23.35 -0.10
N GLN B 61 25.01 23.65 0.04
CA GLN B 61 24.22 23.10 1.14
C GLN B 61 23.81 21.66 0.85
N ASP B 62 23.01 21.11 1.76
CA ASP B 62 22.77 19.67 1.81
C ASP B 62 22.07 19.17 0.55
N GLY B 63 22.61 18.09 -0.01
CA GLY B 63 22.01 17.45 -1.17
C GLY B 63 22.11 18.22 -2.46
N ALA B 64 22.83 19.35 -2.48
CA ALA B 64 23.03 20.07 -3.72
C ALA B 64 23.97 19.29 -4.64
N VAL B 65 23.90 19.58 -5.93
CA VAL B 65 24.69 18.89 -6.93
C VAL B 65 25.38 19.90 -7.83
N LEU B 66 26.69 19.73 -8.03
CA LEU B 66 27.48 20.53 -8.94
C LEU B 66 28.13 19.62 -9.96
N HIS B 67 28.06 20.00 -11.23
CA HIS B 67 28.74 19.28 -12.29
C HIS B 67 29.06 20.28 -13.40
N ALA B 68 29.83 19.82 -14.39
CA ALA B 68 30.21 20.67 -15.50
C ALA B 68 30.37 19.82 -16.75
N ASP B 69 30.05 20.42 -17.89
CA ASP B 69 30.23 19.86 -19.22
C ASP B 69 31.41 20.54 -19.92
N PRO B 70 32.08 19.84 -20.85
CA PRO B 70 33.22 20.45 -21.53
C PRO B 70 32.90 21.83 -22.09
N GLY B 71 33.78 22.78 -21.83
CA GLY B 71 33.57 24.16 -22.24
C GLY B 71 32.65 24.95 -21.34
N PHE B 72 32.04 24.32 -20.34
CA PHE B 72 31.16 24.99 -19.39
C PHE B 72 31.63 24.68 -17.98
N PRO B 73 32.68 25.34 -17.52
CA PRO B 73 33.12 25.14 -16.13
C PRO B 73 32.08 25.68 -15.16
N CYS B 74 31.92 24.97 -14.05
CA CYS B 74 31.02 25.40 -12.98
C CYS B 74 31.84 26.21 -11.99
N LEU B 75 31.71 27.53 -12.06
CA LEU B 75 32.57 28.45 -11.31
C LEU B 75 31.72 29.21 -10.29
N LEU B 76 31.82 28.81 -9.02
CA LEU B 76 31.14 29.51 -7.94
C LEU B 76 32.09 30.55 -7.36
N GLY B 77 31.68 31.82 -7.41
CA GLY B 77 32.48 32.89 -6.89
C GLY B 77 32.52 32.88 -5.37
N PRO B 78 33.21 33.86 -4.79
CA PRO B 78 33.30 33.92 -3.33
C PRO B 78 32.00 34.41 -2.70
N GLU B 79 31.78 33.98 -1.45
CA GLU B 79 30.60 34.38 -0.66
C GLU B 79 29.30 34.00 -1.35
N VAL B 80 29.28 32.87 -2.05
CA VAL B 80 28.11 32.41 -2.78
C VAL B 80 27.38 31.36 -1.95
N THR B 81 26.06 31.31 -2.09
CA THR B 81 25.22 30.33 -1.41
C THR B 81 24.48 29.49 -2.43
N VAL B 82 24.69 28.17 -2.38
CA VAL B 82 23.91 27.22 -3.16
C VAL B 82 23.00 26.49 -2.19
N GLY B 83 21.70 26.80 -2.23
CA GLY B 83 20.76 26.30 -1.26
C GLY B 83 20.55 24.80 -1.35
N HIS B 84 19.88 24.28 -0.31
CA HIS B 84 19.61 22.85 -0.18
C HIS B 84 19.05 22.29 -1.49
N ARG B 85 19.68 21.21 -1.97
CA ARG B 85 19.16 20.42 -3.09
C ARG B 85 19.18 21.19 -4.41
N ALA B 86 19.96 22.25 -4.51
CA ALA B 86 20.04 22.97 -5.77
C ALA B 86 20.98 22.25 -6.74
N VAL B 87 20.82 22.56 -8.03
CA VAL B 87 21.68 22.03 -9.08
C VAL B 87 22.26 23.21 -9.84
N VAL B 88 23.57 23.36 -9.80
CA VAL B 88 24.27 24.37 -10.58
C VAL B 88 25.18 23.62 -11.53
N HIS B 89 24.88 23.69 -12.83
CA HIS B 89 25.49 22.84 -13.83
C HIS B 89 26.21 23.72 -14.85
N GLY B 90 27.53 23.69 -14.83
CA GLY B 90 28.31 24.41 -15.83
C GLY B 90 28.00 25.89 -15.92
N ALA B 91 27.72 26.51 -14.78
CA ALA B 91 27.29 27.91 -14.73
C ALA B 91 28.33 28.75 -14.01
N VAL B 92 28.15 30.06 -14.14
CA VAL B 92 28.98 31.07 -13.48
C VAL B 92 28.12 31.82 -12.49
N VAL B 93 28.46 31.72 -11.20
CA VAL B 93 27.74 32.42 -10.15
C VAL B 93 28.71 33.40 -9.48
N GLU B 94 28.36 34.68 -9.52
CA GLU B 94 29.27 35.73 -9.07
C GLU B 94 29.14 35.97 -7.57
N GLU B 95 30.08 36.76 -7.06
CA GLU B 95 30.23 36.97 -5.62
C GLU B 95 28.92 37.44 -4.98
N GLY B 96 28.61 36.86 -3.82
CA GLY B 96 27.48 37.28 -3.02
C GLY B 96 26.12 36.76 -3.46
N ALA B 97 26.07 36.01 -4.56
CA ALA B 97 24.79 35.58 -5.10
C ALA B 97 24.22 34.43 -4.28
N LEU B 98 22.94 34.12 -4.56
CA LEU B 98 22.22 33.06 -3.87
C LEU B 98 21.45 32.24 -4.90
N VAL B 99 21.70 30.94 -4.95
CA VAL B 99 20.90 30.00 -5.72
C VAL B 99 19.94 29.33 -4.75
N GLY B 100 18.65 29.69 -4.86
CA GLY B 100 17.67 29.20 -3.91
C GLY B 100 17.60 27.69 -3.87
N MET B 101 17.08 27.19 -2.74
CA MET B 101 17.01 25.75 -2.54
C MET B 101 16.10 25.11 -3.58
N GLY B 102 16.53 23.98 -4.12
CA GLY B 102 15.78 23.27 -5.13
C GLY B 102 15.88 23.85 -6.54
N ALA B 103 16.57 24.97 -6.72
CA ALA B 103 16.65 25.59 -8.03
C ALA B 103 17.63 24.84 -8.94
N VAL B 104 17.53 25.11 -10.24
CA VAL B 104 18.38 24.49 -11.25
C VAL B 104 18.96 25.58 -12.13
N VAL B 105 20.28 25.62 -12.25
CA VAL B 105 20.99 26.59 -13.08
C VAL B 105 21.85 25.81 -14.06
N LEU B 106 21.66 26.08 -15.36
CA LEU B 106 22.15 25.20 -16.42
C LEU B 106 23.33 25.83 -17.16
N ASN B 107 23.81 25.11 -18.18
CA ASN B 107 25.10 25.39 -18.81
C ASN B 107 25.19 26.80 -19.36
N GLY B 108 26.30 27.47 -19.06
CA GLY B 108 26.57 28.79 -19.57
C GLY B 108 25.81 29.92 -18.90
N ALA B 109 24.85 29.61 -18.03
CA ALA B 109 24.11 30.65 -17.33
C ALA B 109 25.06 31.46 -16.45
N ARG B 110 24.69 32.71 -16.22
CA ARG B 110 25.48 33.64 -15.43
C ARG B 110 24.60 34.28 -14.37
N ILE B 111 24.93 34.06 -13.10
CA ILE B 111 24.21 34.66 -11.99
C ILE B 111 25.04 35.84 -11.50
N GLY B 112 24.51 37.04 -11.68
CA GLY B 112 25.25 38.25 -11.37
C GLY B 112 25.49 38.44 -9.88
N LYS B 113 26.31 39.44 -9.58
CA LYS B 113 26.70 39.74 -8.21
C LYS B 113 25.47 40.00 -7.34
N ASN B 114 25.44 39.36 -6.17
CA ASN B 114 24.39 39.54 -5.18
C ASN B 114 22.99 39.27 -5.73
N ALA B 115 22.91 38.58 -6.87
CA ALA B 115 21.61 38.20 -7.42
C ALA B 115 21.07 37.00 -6.66
N VAL B 116 19.77 36.76 -6.83
CA VAL B 116 19.09 35.65 -6.16
C VAL B 116 18.30 34.87 -7.19
N VAL B 117 18.57 33.58 -7.27
CA VAL B 117 17.71 32.64 -7.99
C VAL B 117 16.71 32.07 -6.99
N GLY B 118 15.43 32.31 -7.23
CA GLY B 118 14.42 31.85 -6.31
C GLY B 118 14.40 30.34 -6.18
N ALA B 119 13.83 29.88 -5.07
CA ALA B 119 13.75 28.45 -4.81
C ALA B 119 12.95 27.74 -5.90
N GLY B 120 13.48 26.61 -6.37
CA GLY B 120 12.80 25.82 -7.37
C GLY B 120 12.83 26.40 -8.78
N ALA B 121 13.40 27.58 -8.97
CA ALA B 121 13.45 28.18 -10.30
C ALA B 121 14.44 27.42 -11.19
N VAL B 122 14.20 27.49 -12.49
CA VAL B 122 15.03 26.81 -13.48
C VAL B 122 15.58 27.88 -14.42
N VAL B 123 16.88 28.15 -14.32
CA VAL B 123 17.56 29.13 -15.17
C VAL B 123 18.01 28.41 -16.44
N PRO B 124 17.43 28.70 -17.60
CA PRO B 124 17.77 27.97 -18.82
C PRO B 124 19.23 28.17 -19.20
N PRO B 125 19.79 27.30 -20.04
CA PRO B 125 21.19 27.44 -20.45
C PRO B 125 21.44 28.79 -21.11
N GLY B 126 22.49 29.48 -20.64
CA GLY B 126 22.92 30.72 -21.22
C GLY B 126 22.23 31.96 -20.66
N MET B 127 21.18 31.81 -19.87
CA MET B 127 20.45 32.97 -19.38
C MET B 127 21.30 33.76 -18.39
N GLU B 128 21.15 35.08 -18.42
CA GLU B 128 21.85 35.97 -17.51
C GLU B 128 20.87 36.53 -16.48
N VAL B 129 21.21 36.37 -15.20
CA VAL B 129 20.52 37.06 -14.11
C VAL B 129 21.40 38.23 -13.69
N PRO B 130 21.01 39.48 -13.97
CA PRO B 130 21.89 40.62 -13.68
C PRO B 130 22.12 40.80 -12.19
N GLU B 131 23.15 41.59 -11.89
CA GLU B 131 23.54 41.87 -10.52
C GLU B 131 22.36 42.45 -9.73
N GLY B 132 22.23 42.01 -8.48
CA GLY B 132 21.24 42.55 -7.57
C GLY B 132 19.80 42.29 -7.97
N ARG B 133 19.55 41.29 -8.79
CA ARG B 133 18.22 41.00 -9.31
C ARG B 133 17.74 39.63 -8.86
N LEU B 134 16.42 39.48 -8.82
CA LEU B 134 15.76 38.23 -8.45
C LEU B 134 15.18 37.56 -9.69
N ALA B 135 15.33 36.24 -9.77
CA ALA B 135 14.78 35.45 -10.87
C ALA B 135 13.90 34.34 -10.29
N LEU B 136 12.68 34.22 -10.83
CA LEU B 136 11.71 33.24 -10.37
C LEU B 136 11.09 32.52 -11.56
N GLY B 137 10.51 31.37 -11.30
CA GLY B 137 9.66 30.67 -12.24
C GLY B 137 10.36 29.53 -12.96
N VAL B 138 9.56 28.79 -13.70
CA VAL B 138 10.05 27.70 -14.51
C VAL B 138 9.43 27.89 -15.88
N PRO B 139 10.14 28.45 -16.93
CA PRO B 139 11.53 28.83 -16.66
C PRO B 139 11.66 30.14 -15.94
N ALA B 140 12.89 30.50 -15.64
CA ALA B 140 13.20 31.71 -14.88
C ALA B 140 13.02 33.04 -15.58
N ARG B 141 12.55 34.01 -14.83
CA ARG B 141 12.27 35.31 -15.32
C ARG B 141 12.80 36.34 -14.33
N VAL B 142 13.60 37.30 -14.81
CA VAL B 142 14.11 38.36 -13.97
C VAL B 142 12.94 39.19 -13.48
N VAL B 143 12.76 39.24 -12.19
CA VAL B 143 11.61 39.90 -11.61
C VAL B 143 11.72 41.27 -10.99
N ARG B 144 12.72 41.52 -10.19
CA ARG B 144 12.85 42.78 -9.52
C ARG B 144 14.16 42.82 -8.82
N PRO B 145 14.59 43.98 -8.44
CA PRO B 145 15.82 44.05 -7.66
C PRO B 145 15.58 43.53 -6.26
N ILE B 146 16.61 42.89 -5.70
CA ILE B 146 16.51 42.25 -4.40
C ILE B 146 17.72 42.68 -3.57
N ASP B 147 17.50 42.76 -2.25
CA ASP B 147 18.58 43.07 -1.33
C ASP B 147 19.59 41.92 -1.31
N PRO B 148 20.86 42.21 -1.01
CA PRO B 148 21.87 41.16 -0.98
C PRO B 148 21.55 40.11 0.06
N PRO B 149 21.59 38.83 -0.31
CA PRO B 149 21.35 37.76 0.67
C PRO B 149 22.50 37.65 1.66
N GLY B 150 22.15 37.33 2.91
CA GLY B 150 23.13 37.25 3.97
C GLY B 150 23.43 35.85 4.45
N ASN B 151 23.22 34.85 3.58
CA ASN B 151 23.45 33.47 3.98
C ASN B 151 24.94 33.16 4.10
N ALA B 152 25.75 33.71 3.20
CA ALA B 152 27.17 33.35 3.17
C ALA B 152 27.91 33.69 4.47
N PRO B 153 27.72 34.86 5.10
CA PRO B 153 28.41 35.09 6.39
C PRO B 153 27.96 34.12 7.48
N ARG B 154 26.66 33.81 7.55
CA ARG B 154 26.18 32.87 8.57
C ARG B 154 26.80 31.49 8.38
N TYR B 155 26.94 31.04 7.12
CA TYR B 155 27.44 29.70 6.87
C TYR B 155 28.95 29.60 7.01
N ARG B 156 29.67 30.70 6.76
CA ARG B 156 31.08 30.74 7.10
C ARG B 156 31.28 30.43 8.59
N ALA B 157 30.49 31.06 9.45
CA ALA B 157 30.60 30.84 10.88
C ALA B 157 30.10 29.47 11.30
N LEU B 158 29.00 29.01 10.67
CA LEU B 158 28.47 27.69 11.00
C LEU B 158 29.44 26.59 10.58
N ALA B 159 30.12 26.77 9.45
CA ALA B 159 31.06 25.75 8.97
C ALA B 159 32.25 25.62 9.90
N GLU B 160 32.79 26.74 10.40
CA GLU B 160 33.88 26.66 11.36
C GLU B 160 33.45 25.97 12.64
N ARG B 161 32.19 26.19 13.05
CA ARG B 161 31.68 25.48 14.22
C ARG B 161 31.55 23.99 13.94
N TYR B 162 31.15 23.62 12.72
CA TYR B 162 31.00 22.20 12.39
C TYR B 162 32.35 21.51 12.25
N ARG B 163 33.38 22.25 11.80
CA ARG B 163 34.71 21.67 11.69
C ARG B 163 35.27 21.28 13.04
N LYS B 164 34.81 21.91 14.12
CA LYS B 164 35.41 21.72 15.44
C LYS B 164 34.68 20.68 16.29
N ALA B 165 33.34 20.60 16.20
CA ALA B 165 32.56 19.79 17.13
C ALA B 165 31.43 19.06 16.40
N LEU B 166 31.80 18.02 15.64
CA LEU B 166 30.83 17.17 14.97
C LEU B 166 31.28 15.72 15.12
N PHE B 167 30.51 14.92 15.86
CA PHE B 167 30.89 13.56 16.17
C PHE B 167 29.67 12.64 16.04
N PRO B 168 29.87 11.43 15.52
CA PRO B 168 28.78 10.45 15.54
C PRO B 168 28.44 10.06 16.97
N VAL B 169 27.15 9.94 17.25
CA VAL B 169 26.69 9.56 18.58
C VAL B 169 26.94 8.08 18.82
N MET C 3 32.17 -1.76 -2.74
CA MET C 3 30.85 -1.15 -2.92
C MET C 3 29.74 -2.13 -2.55
N SER C 4 28.83 -1.67 -1.69
CA SER C 4 27.81 -2.54 -1.14
C SER C 4 26.43 -2.19 -1.69
N VAL C 5 25.51 -3.13 -1.48
CA VAL C 5 24.13 -3.05 -1.95
C VAL C 5 23.27 -3.66 -0.86
N TYR C 6 21.99 -3.30 -0.84
CA TYR C 6 21.15 -3.56 0.32
C TYR C 6 20.02 -4.54 0.01
N ARG C 7 19.98 -5.61 0.80
CA ARG C 7 18.96 -6.64 0.69
C ARG C 7 17.80 -6.31 1.62
N PHE C 8 16.61 -6.14 1.06
CA PHE C 8 15.39 -5.94 1.84
C PHE C 8 14.61 -7.24 1.85
N GLU C 9 14.35 -7.77 3.05
CA GLU C 9 13.72 -9.07 3.21
C GLU C 9 14.46 -10.11 2.38
N ASP C 10 13.85 -10.62 1.31
CA ASP C 10 14.51 -11.57 0.42
C ASP C 10 14.84 -10.97 -0.93
N LYS C 11 14.79 -9.65 -1.06
CA LYS C 11 15.06 -8.97 -2.33
C LYS C 11 16.48 -8.39 -2.28
N THR C 12 17.40 -9.01 -3.00
CA THR C 12 18.73 -8.49 -3.21
C THR C 12 18.84 -7.96 -4.63
N PRO C 13 19.37 -6.75 -4.82
CA PRO C 13 19.50 -6.23 -6.18
C PRO C 13 20.40 -7.11 -7.04
N ALA C 14 19.98 -7.32 -8.29
CA ALA C 14 20.75 -8.07 -9.27
C ALA C 14 21.51 -7.06 -10.12
N VAL C 15 22.80 -6.92 -9.83
CA VAL C 15 23.65 -5.91 -10.46
C VAL C 15 24.65 -6.62 -11.37
N HIS C 16 24.61 -6.29 -12.66
CA HIS C 16 25.52 -6.88 -13.63
C HIS C 16 26.95 -6.47 -13.30
N PRO C 17 27.92 -7.36 -13.52
CA PRO C 17 29.31 -7.07 -13.12
C PRO C 17 29.93 -5.85 -13.80
N THR C 18 29.47 -5.48 -15.00
CA THR C 18 30.03 -4.33 -15.69
C THR C 18 29.37 -3.01 -15.27
N ALA C 19 28.34 -3.07 -14.43
CA ALA C 19 27.69 -1.86 -13.97
C ALA C 19 28.57 -1.12 -12.96
N PHE C 20 28.45 0.20 -12.94
CA PHE C 20 29.18 1.05 -12.01
C PHE C 20 28.22 1.56 -10.94
N ILE C 21 28.50 1.23 -9.70
CA ILE C 21 27.75 1.73 -8.55
C ILE C 21 28.69 2.62 -7.76
N ALA C 22 28.39 3.91 -7.74
CA ALA C 22 29.28 4.90 -7.17
C ALA C 22 29.21 4.90 -5.64
N PRO C 23 30.26 5.40 -4.97
CA PRO C 23 30.15 5.65 -3.53
C PRO C 23 28.97 6.58 -3.23
N GLY C 24 28.29 6.30 -2.12
CA GLY C 24 27.15 7.10 -1.73
C GLY C 24 25.85 6.77 -2.42
N ALA C 25 25.86 5.87 -3.39
CA ALA C 25 24.64 5.42 -4.04
C ALA C 25 24.03 4.27 -3.26
N TYR C 26 22.70 4.24 -3.20
CA TYR C 26 21.98 3.23 -2.41
C TYR C 26 20.98 2.51 -3.31
N VAL C 27 21.33 1.28 -3.68
CA VAL C 27 20.46 0.40 -4.45
C VAL C 27 19.86 -0.61 -3.48
N VAL C 28 18.54 -0.58 -3.33
CA VAL C 28 17.86 -1.28 -2.24
C VAL C 28 16.75 -2.16 -2.78
N GLY C 29 16.74 -3.43 -2.36
CA GLY C 29 15.61 -4.31 -2.59
C GLY C 29 15.43 -4.84 -4.00
N ALA C 30 14.18 -4.85 -4.46
CA ALA C 30 13.80 -5.46 -5.75
C ALA C 30 14.24 -4.53 -6.89
N VAL C 31 15.53 -4.62 -7.22
CA VAL C 31 16.11 -3.80 -8.28
C VAL C 31 16.94 -4.68 -9.20
N GLU C 32 16.84 -4.43 -10.51
CA GLU C 32 17.74 -5.00 -11.51
C GLU C 32 18.53 -3.86 -12.13
N VAL C 33 19.85 -4.03 -12.18
CA VAL C 33 20.75 -3.04 -12.79
C VAL C 33 21.45 -3.71 -13.96
N GLY C 34 21.16 -3.25 -15.16
CA GLY C 34 21.61 -3.92 -16.36
C GLY C 34 23.10 -3.73 -16.63
N GLU C 35 23.55 -4.42 -17.68
CA GLU C 35 24.93 -4.34 -18.11
C GLU C 35 25.29 -2.92 -18.54
N GLY C 36 26.48 -2.47 -18.14
CA GLY C 36 26.95 -1.15 -18.55
C GLY C 36 26.20 0.02 -17.93
N ALA C 37 25.30 -0.23 -16.98
CA ALA C 37 24.58 0.84 -16.33
C ALA C 37 25.46 1.52 -15.28
N SER C 38 25.01 2.70 -14.84
CA SER C 38 25.76 3.46 -13.85
C SER C 38 24.82 4.21 -12.94
N ILE C 39 25.06 4.11 -11.64
CA ILE C 39 24.27 4.77 -10.61
C ILE C 39 25.22 5.63 -9.79
N TRP C 40 25.05 6.94 -9.85
CA TRP C 40 26.08 7.88 -9.45
C TRP C 40 25.86 8.36 -8.01
N PHE C 41 26.75 9.26 -7.59
CA PHE C 41 26.89 9.63 -6.18
C PHE C 41 25.58 10.16 -5.61
N GLY C 42 25.21 9.65 -4.44
CA GLY C 42 24.02 10.12 -3.76
C GLY C 42 22.70 9.67 -4.35
N ALA C 43 22.73 8.91 -5.45
CA ALA C 43 21.49 8.41 -6.03
C ALA C 43 20.92 7.29 -5.17
N VAL C 44 19.60 7.16 -5.17
CA VAL C 44 18.92 6.11 -4.43
C VAL C 44 17.97 5.39 -5.39
N VAL C 45 18.15 4.08 -5.52
CA VAL C 45 17.28 3.23 -6.33
C VAL C 45 16.71 2.19 -5.38
N ARG C 46 15.46 2.37 -4.98
CA ARG C 46 14.85 1.56 -3.93
C ARG C 46 13.61 0.87 -4.47
N GLY C 47 13.58 -0.45 -4.37
CA GLY C 47 12.41 -1.22 -4.75
C GLY C 47 11.95 -2.12 -3.62
N ASP C 48 10.75 -1.87 -3.12
CA ASP C 48 10.22 -2.68 -2.03
C ASP C 48 8.73 -2.96 -2.23
N LEU C 49 7.92 -1.90 -2.31
CA LEU C 49 6.51 -2.09 -2.59
C LEU C 49 6.27 -2.60 -4.01
N GLU C 50 7.23 -2.43 -4.90
CA GLU C 50 7.11 -2.77 -6.32
C GLU C 50 8.51 -2.73 -6.92
N ARG C 51 8.69 -3.48 -8.01
CA ARG C 51 10.01 -3.66 -8.57
C ARG C 51 10.50 -2.39 -9.27
N VAL C 52 11.82 -2.33 -9.45
CA VAL C 52 12.49 -1.25 -10.18
C VAL C 52 13.54 -1.86 -11.09
N VAL C 53 13.60 -1.43 -12.34
CA VAL C 53 14.54 -1.95 -13.32
C VAL C 53 15.33 -0.79 -13.91
N VAL C 54 16.67 -0.87 -13.80
CA VAL C 54 17.57 0.04 -14.49
C VAL C 54 18.14 -0.71 -15.68
N GLY C 55 17.72 -0.32 -16.89
CA GLY C 55 18.08 -1.02 -18.09
C GLY C 55 19.56 -0.94 -18.40
N PRO C 56 20.01 -1.76 -19.36
CA PRO C 56 21.44 -1.73 -19.75
C PRO C 56 21.83 -0.38 -20.31
N GLY C 57 23.04 0.04 -20.00
CA GLY C 57 23.56 1.32 -20.47
C GLY C 57 22.84 2.53 -19.93
N THR C 58 22.03 2.38 -18.90
CA THR C 58 21.27 3.48 -18.32
C THR C 58 22.03 4.08 -17.15
N ASN C 59 22.14 5.41 -17.15
CA ASN C 59 22.84 6.13 -16.10
C ASN C 59 21.83 6.85 -15.21
N VAL C 60 21.92 6.62 -13.91
CA VAL C 60 21.10 7.29 -12.90
C VAL C 60 22.03 8.25 -12.17
N GLN C 61 21.95 9.54 -12.53
CA GLN C 61 22.97 10.50 -12.16
C GLN C 61 22.86 10.90 -10.69
N ASP C 62 23.72 11.83 -10.29
CA ASP C 62 23.93 12.15 -8.89
C ASP C 62 22.67 12.73 -8.25
N GLY C 63 22.31 12.20 -7.08
CA GLY C 63 21.17 12.69 -6.34
C GLY C 63 19.81 12.27 -6.87
N ALA C 64 19.76 11.49 -7.94
CA ALA C 64 18.48 11.04 -8.47
C ALA C 64 17.86 10.00 -7.53
N VAL C 65 16.53 9.92 -7.56
CA VAL C 65 15.78 8.97 -6.74
C VAL C 65 14.86 8.15 -7.64
N LEU C 66 14.97 6.83 -7.53
CA LEU C 66 14.05 5.90 -8.18
C LEU C 66 13.26 5.16 -7.11
N HIS C 67 11.95 5.08 -7.30
CA HIS C 67 11.10 4.30 -6.42
C HIS C 67 9.86 3.89 -7.21
N ALA C 68 9.12 2.93 -6.67
CA ALA C 68 7.94 2.39 -7.34
C ALA C 68 6.84 2.15 -6.32
N ASP C 69 5.61 2.36 -6.74
CA ASP C 69 4.40 2.19 -5.96
C ASP C 69 3.67 0.91 -6.33
N PRO C 70 2.77 0.43 -5.48
CA PRO C 70 1.96 -0.74 -5.85
C PRO C 70 1.25 -0.53 -7.18
N GLY C 71 1.44 -1.49 -8.08
CA GLY C 71 0.84 -1.42 -9.40
C GLY C 71 1.55 -0.51 -10.38
N PHE C 72 2.64 0.15 -9.96
CA PHE C 72 3.40 1.04 -10.82
C PHE C 72 4.88 0.71 -10.70
N PRO C 73 5.36 -0.29 -11.44
CA PRO C 73 6.80 -0.55 -11.46
C PRO C 73 7.55 0.60 -12.12
N CYS C 74 8.78 0.82 -11.66
CA CYS C 74 9.65 1.83 -12.24
C CYS C 74 10.61 1.11 -13.18
N LEU C 75 10.36 1.25 -14.48
CA LEU C 75 11.02 0.46 -15.51
C LEU C 75 11.76 1.40 -16.46
N LEU C 76 13.08 1.48 -16.33
CA LEU C 76 13.92 2.27 -17.22
C LEU C 76 14.45 1.36 -18.32
N GLY C 77 14.20 1.75 -19.57
CA GLY C 77 14.67 0.98 -20.70
C GLY C 77 16.16 1.11 -20.90
N PRO C 78 16.66 0.58 -22.02
CA PRO C 78 18.11 0.65 -22.27
C PRO C 78 18.53 2.05 -22.73
N GLU C 79 19.79 2.37 -22.44
CA GLU C 79 20.41 3.62 -22.88
C GLU C 79 19.61 4.83 -22.44
N VAL C 80 19.06 4.78 -21.23
CA VAL C 80 18.25 5.84 -20.65
C VAL C 80 19.14 6.72 -19.78
N THR C 81 18.83 8.01 -19.73
CA THR C 81 19.55 8.96 -18.88
C THR C 81 18.58 9.58 -17.88
N VAL C 82 18.88 9.42 -16.59
CA VAL C 82 18.16 10.08 -15.52
C VAL C 82 19.07 11.16 -14.95
N GLY C 83 18.73 12.42 -15.24
CA GLY C 83 19.63 13.52 -14.94
C GLY C 83 19.82 13.78 -13.46
N HIS C 84 20.78 14.66 -13.17
CA HIS C 84 21.13 15.02 -11.80
C HIS C 84 19.89 15.38 -11.00
N ARG C 85 19.69 14.65 -9.90
CA ARG C 85 18.69 15.02 -8.89
C ARG C 85 17.27 14.93 -9.43
N ALA C 86 17.03 14.03 -10.38
CA ALA C 86 15.69 13.79 -10.89
C ALA C 86 14.98 12.73 -10.04
N VAL C 87 13.66 12.68 -10.17
CA VAL C 87 12.85 11.67 -9.50
C VAL C 87 11.99 11.00 -10.55
N VAL C 88 12.17 9.69 -10.74
CA VAL C 88 11.32 8.88 -11.59
C VAL C 88 10.61 7.88 -10.69
N HIS C 89 9.29 8.03 -10.53
CA HIS C 89 8.53 7.25 -9.57
C HIS C 89 7.46 6.44 -10.30
N GLY C 90 7.61 5.12 -10.27
CA GLY C 90 6.63 4.22 -10.85
C GLY C 90 6.28 4.50 -12.30
N ALA C 91 7.27 4.86 -13.12
CA ALA C 91 7.05 5.24 -14.50
C ALA C 91 7.87 4.37 -15.43
N VAL C 92 7.48 4.39 -16.70
CA VAL C 92 8.17 3.65 -17.76
C VAL C 92 8.90 4.66 -18.64
N VAL C 93 10.20 4.46 -18.78
CA VAL C 93 11.04 5.31 -19.63
C VAL C 93 11.63 4.42 -20.71
N GLU C 94 11.29 4.70 -21.95
CA GLU C 94 11.66 3.83 -23.07
C GLU C 94 13.08 4.11 -23.53
N GLU C 95 13.55 3.28 -24.46
CA GLU C 95 14.95 3.28 -24.87
C GLU C 95 15.40 4.65 -25.35
N GLY C 96 16.55 5.10 -24.85
CA GLY C 96 17.18 6.30 -25.34
C GLY C 96 16.61 7.61 -24.85
N ALA C 97 15.64 7.58 -23.94
CA ALA C 97 15.02 8.81 -23.47
C ALA C 97 15.91 9.51 -22.44
N LEU C 98 15.60 10.76 -22.16
CA LEU C 98 16.31 11.55 -21.16
C LEU C 98 15.32 12.22 -20.23
N VAL C 99 15.49 11.98 -18.93
CA VAL C 99 14.77 12.71 -17.90
C VAL C 99 15.69 13.82 -17.42
N GLY C 100 15.34 15.07 -17.75
CA GLY C 100 16.20 16.19 -17.44
C GLY C 100 16.50 16.30 -15.96
N MET C 101 17.61 16.97 -15.66
CA MET C 101 18.06 17.06 -14.28
C MET C 101 17.09 17.90 -13.46
N GLY C 102 16.81 17.43 -12.25
CA GLY C 102 15.84 18.06 -11.37
C GLY C 102 14.39 17.76 -11.68
N ALA C 103 14.10 17.05 -12.78
CA ALA C 103 12.73 16.78 -13.17
C ALA C 103 12.10 15.75 -12.24
N VAL C 104 10.77 15.65 -12.32
CA VAL C 104 10.00 14.66 -11.57
C VAL C 104 9.03 13.98 -12.53
N VAL C 105 9.02 12.65 -12.52
CA VAL C 105 8.14 11.85 -13.37
C VAL C 105 7.34 10.92 -12.45
N LEU C 106 6.02 11.07 -12.45
CA LEU C 106 5.17 10.45 -11.44
C LEU C 106 4.55 9.14 -11.95
N ASN C 107 3.75 8.52 -11.07
CA ASN C 107 3.27 7.15 -11.29
C ASN C 107 2.51 7.02 -12.60
N GLY C 108 2.77 5.94 -13.33
CA GLY C 108 2.04 5.64 -14.54
C GLY C 108 2.42 6.45 -15.75
N ALA C 109 3.32 7.42 -15.62
CA ALA C 109 3.77 8.16 -16.77
C ALA C 109 4.58 7.26 -17.70
N ARG C 110 4.60 7.60 -18.98
CA ARG C 110 5.36 6.86 -19.98
C ARG C 110 6.16 7.85 -20.81
N ILE C 111 7.48 7.69 -20.81
CA ILE C 111 8.37 8.53 -21.59
C ILE C 111 8.78 7.74 -22.83
N GLY C 112 8.31 8.17 -24.00
CA GLY C 112 8.57 7.44 -25.23
C GLY C 112 10.05 7.37 -25.57
N LYS C 113 10.34 6.53 -26.55
CA LYS C 113 11.73 6.31 -26.97
C LYS C 113 12.36 7.60 -27.47
N ASN C 114 13.59 7.87 -27.01
CA ASN C 114 14.38 9.03 -27.37
C ASN C 114 13.69 10.36 -27.05
N ALA C 115 12.60 10.33 -26.27
CA ALA C 115 11.96 11.56 -25.83
C ALA C 115 12.78 12.21 -24.72
N VAL C 116 12.51 13.50 -24.49
CA VAL C 116 13.25 14.28 -23.51
C VAL C 116 12.27 14.95 -22.57
N VAL C 117 12.44 14.72 -21.27
CA VAL C 117 11.75 15.50 -20.24
C VAL C 117 12.63 16.68 -19.88
N GLY C 118 12.07 17.89 -19.96
CA GLY C 118 12.85 19.08 -19.69
C GLY C 118 13.30 19.15 -18.24
N ALA C 119 14.41 19.85 -18.02
CA ALA C 119 14.95 20.02 -16.69
C ALA C 119 13.95 20.74 -15.79
N GLY C 120 13.72 20.17 -14.60
CA GLY C 120 12.78 20.74 -13.66
C GLY C 120 11.33 20.50 -13.98
N ALA C 121 11.02 19.84 -15.09
CA ALA C 121 9.63 19.58 -15.44
C ALA C 121 9.04 18.51 -14.52
N VAL C 122 7.75 18.64 -14.25
CA VAL C 122 7.02 17.67 -13.46
C VAL C 122 6.00 17.01 -14.37
N VAL C 123 6.19 15.72 -14.62
CA VAL C 123 5.34 14.97 -15.56
C VAL C 123 4.22 14.33 -14.74
N PRO C 124 2.97 14.77 -14.91
CA PRO C 124 1.87 14.30 -14.05
C PRO C 124 1.69 12.80 -14.16
N PRO C 125 0.98 12.19 -13.20
CA PRO C 125 0.74 10.75 -13.27
C PRO C 125 -0.03 10.38 -14.54
N GLY C 126 0.47 9.34 -15.22
CA GLY C 126 -0.20 8.82 -16.39
C GLY C 126 0.05 9.58 -17.68
N MET C 127 0.80 10.68 -17.64
CA MET C 127 1.08 11.41 -18.87
C MET C 127 1.95 10.58 -19.80
N GLU C 128 1.62 10.59 -21.08
CA GLU C 128 2.40 9.93 -22.12
C GLU C 128 3.15 10.99 -22.93
N VAL C 129 4.46 10.88 -22.97
CA VAL C 129 5.30 11.73 -23.82
C VAL C 129 5.67 10.90 -25.05
N PRO C 130 5.17 11.24 -26.24
CA PRO C 130 5.42 10.39 -27.42
C PRO C 130 6.90 10.34 -27.77
N GLU C 131 7.25 9.29 -28.51
CA GLU C 131 8.63 9.07 -28.94
C GLU C 131 9.20 10.29 -29.65
N GLY C 132 10.42 10.66 -29.27
CA GLY C 132 11.12 11.75 -29.92
C GLY C 132 10.58 13.14 -29.64
N ARG C 133 9.75 13.31 -28.63
CA ARG C 133 9.14 14.59 -28.32
C ARG C 133 9.75 15.19 -27.05
N LEU C 134 9.55 16.49 -26.90
CA LEU C 134 10.03 17.24 -25.74
C LEU C 134 8.86 17.68 -24.88
N ALA C 135 8.98 17.47 -23.57
CA ALA C 135 7.97 17.87 -22.60
C ALA C 135 8.63 18.68 -21.50
N LEU C 136 8.07 19.86 -21.21
CA LEU C 136 8.66 20.73 -20.20
C LEU C 136 7.57 21.54 -19.52
N GLY C 137 7.92 22.13 -18.38
CA GLY C 137 7.04 22.99 -17.63
C GLY C 137 6.50 22.31 -16.38
N VAL C 138 5.82 23.12 -15.57
CA VAL C 138 5.14 22.61 -14.39
C VAL C 138 3.66 23.00 -14.45
N PRO C 139 2.79 22.05 -14.79
CA PRO C 139 3.11 20.66 -15.15
C PRO C 139 3.65 20.55 -16.57
N ALA C 140 4.26 19.40 -16.88
CA ALA C 140 4.90 19.22 -18.19
C ALA C 140 3.86 19.20 -19.30
N ARG C 141 4.26 19.70 -20.46
CA ARG C 141 3.44 19.65 -21.66
C ARG C 141 4.32 19.26 -22.85
N VAL C 142 3.82 18.34 -23.67
CA VAL C 142 4.52 17.98 -24.89
C VAL C 142 4.52 19.17 -25.83
N VAL C 143 5.71 19.55 -26.31
CA VAL C 143 5.92 20.83 -26.97
C VAL C 143 6.33 20.67 -28.43
N ARG C 144 7.34 19.86 -28.70
CA ARG C 144 7.94 19.83 -30.03
C ARG C 144 8.77 18.56 -30.16
N PRO C 145 9.12 18.16 -31.40
CA PRO C 145 10.07 17.07 -31.58
C PRO C 145 11.50 17.54 -31.32
N ILE C 146 12.29 16.65 -30.72
CA ILE C 146 13.65 16.98 -30.32
C ILE C 146 14.58 15.85 -30.76
N ASP C 147 15.81 16.22 -31.10
CA ASP C 147 16.80 15.24 -31.51
C ASP C 147 17.09 14.27 -30.36
N PRO C 148 17.44 13.02 -30.68
CA PRO C 148 17.76 12.05 -29.63
C PRO C 148 18.96 12.50 -28.82
N PRO C 149 18.87 12.47 -27.49
CA PRO C 149 20.00 12.87 -26.66
C PRO C 149 21.10 11.82 -26.69
N GLY C 150 22.34 12.29 -26.51
CA GLY C 150 23.48 11.39 -26.56
C GLY C 150 24.19 11.23 -25.23
N ASN C 151 23.45 11.38 -24.13
CA ASN C 151 24.06 11.26 -22.81
C ASN C 151 24.45 9.83 -22.49
N ALA C 152 23.57 8.87 -22.79
CA ALA C 152 23.83 7.48 -22.42
C ALA C 152 25.14 6.94 -22.97
N PRO C 153 25.54 7.18 -24.23
CA PRO C 153 26.86 6.70 -24.66
C PRO C 153 28.00 7.32 -23.87
N ARG C 154 27.97 8.63 -23.64
CA ARG C 154 29.05 9.27 -22.90
C ARG C 154 29.17 8.73 -21.48
N TYR C 155 28.04 8.38 -20.86
CA TYR C 155 28.10 7.88 -19.50
C TYR C 155 28.54 6.43 -19.44
N ARG C 156 28.23 5.63 -20.47
CA ARG C 156 28.81 4.29 -20.57
C ARG C 156 30.33 4.37 -20.53
N ALA C 157 30.91 5.31 -21.27
CA ALA C 157 32.37 5.43 -21.31
C ALA C 157 32.89 6.05 -20.03
N LEU C 158 32.21 7.08 -19.50
CA LEU C 158 32.65 7.70 -18.26
C LEU C 158 32.58 6.71 -17.10
N ALA C 159 31.53 5.90 -17.06
CA ALA C 159 31.44 4.86 -16.02
C ALA C 159 32.64 3.93 -16.08
N GLU C 160 33.01 3.48 -17.28
CA GLU C 160 34.13 2.56 -17.42
C GLU C 160 35.42 3.20 -16.91
N ARG C 161 35.59 4.51 -17.14
CA ARG C 161 36.76 5.19 -16.60
C ARG C 161 36.69 5.30 -15.08
N TYR C 162 35.49 5.38 -14.52
CA TYR C 162 35.37 5.47 -13.06
C TYR C 162 35.68 4.14 -12.40
N ARG C 163 35.28 3.03 -13.02
CA ARG C 163 35.54 1.71 -12.45
C ARG C 163 37.03 1.39 -12.41
N LYS C 164 37.84 2.08 -13.20
CA LYS C 164 39.26 1.81 -13.28
C LYS C 164 40.13 2.80 -12.50
N ALA C 165 39.63 4.03 -12.24
CA ALA C 165 40.49 5.05 -11.67
C ALA C 165 39.77 5.98 -10.70
N LEU C 166 38.80 5.47 -9.94
CA LEU C 166 38.20 6.22 -8.84
C LEU C 166 38.78 5.71 -7.52
N PHE C 167 39.42 6.62 -6.77
CA PHE C 167 40.05 6.25 -5.51
C PHE C 167 39.74 7.29 -4.45
N PRO C 168 39.51 6.85 -3.21
CA PRO C 168 39.40 7.82 -2.11
C PRO C 168 40.77 8.39 -1.74
N VAL C 169 40.75 9.66 -1.32
CA VAL C 169 41.96 10.37 -0.94
C VAL C 169 41.83 10.80 0.52
N ALA C 170 42.79 11.57 1.02
CA ALA C 170 42.74 12.09 2.37
C ALA C 170 42.44 13.59 2.38
N MET D 3 -38.73 -14.80 -2.80
CA MET D 3 -38.53 -16.24 -2.69
C MET D 3 -37.87 -16.80 -3.94
N SER D 4 -36.95 -16.05 -4.52
CA SER D 4 -36.53 -16.31 -5.88
C SER D 4 -35.29 -17.21 -5.94
N VAL D 5 -35.35 -18.17 -6.85
CA VAL D 5 -34.26 -19.08 -7.20
C VAL D 5 -33.91 -18.78 -8.66
N TYR D 6 -32.70 -19.16 -9.06
CA TYR D 6 -32.14 -18.71 -10.34
C TYR D 6 -31.90 -19.87 -11.30
N ARG D 7 -32.38 -19.70 -12.53
CA ARG D 7 -32.08 -20.61 -13.63
C ARG D 7 -30.85 -20.10 -14.38
N PHE D 8 -29.88 -20.99 -14.58
CA PHE D 8 -28.70 -20.70 -15.39
C PHE D 8 -28.83 -21.49 -16.68
N GLU D 9 -28.91 -20.79 -17.80
CA GLU D 9 -29.19 -21.41 -19.10
C GLU D 9 -30.42 -22.29 -18.98
N ASP D 10 -30.26 -23.61 -19.12
CA ASP D 10 -31.37 -24.54 -18.95
C ASP D 10 -31.25 -25.34 -17.65
N LYS D 11 -30.48 -24.86 -16.69
CA LYS D 11 -30.30 -25.52 -15.40
C LYS D 11 -31.21 -24.85 -14.37
N THR D 12 -32.26 -25.55 -13.96
CA THR D 12 -33.24 -25.01 -13.03
C THR D 12 -33.19 -25.79 -11.73
N PRO D 13 -33.09 -25.11 -10.59
CA PRO D 13 -33.07 -25.83 -9.32
C PRO D 13 -34.42 -26.42 -8.98
N ALA D 14 -34.40 -27.65 -8.47
CA ALA D 14 -35.59 -28.34 -7.98
C ALA D 14 -35.61 -28.21 -6.45
N VAL D 15 -36.49 -27.35 -5.93
CA VAL D 15 -36.60 -27.09 -4.51
C VAL D 15 -37.92 -27.67 -4.02
N HIS D 16 -37.84 -28.51 -2.97
CA HIS D 16 -39.06 -29.06 -2.39
C HIS D 16 -39.88 -27.94 -1.75
N PRO D 17 -41.21 -28.04 -1.80
CA PRO D 17 -42.05 -26.96 -1.24
C PRO D 17 -41.83 -26.69 0.24
N THR D 18 -41.44 -27.71 1.01
CA THR D 18 -41.22 -27.52 2.44
C THR D 18 -39.83 -27.00 2.77
N ALA D 19 -38.98 -26.78 1.78
CA ALA D 19 -37.65 -26.27 2.02
C ALA D 19 -37.69 -24.77 2.28
N PHE D 20 -36.89 -24.31 3.24
CA PHE D 20 -36.79 -22.90 3.57
C PHE D 20 -35.58 -22.32 2.84
N ILE D 21 -35.82 -21.26 2.07
CA ILE D 21 -34.76 -20.53 1.39
C ILE D 21 -34.83 -19.09 1.88
N ALA D 22 -33.80 -18.65 2.59
CA ALA D 22 -33.83 -17.38 3.29
C ALA D 22 -33.65 -16.21 2.32
N PRO D 23 -34.10 -15.00 2.70
CA PRO D 23 -33.99 -13.83 1.80
C PRO D 23 -32.61 -13.56 1.24
N GLY D 24 -31.54 -13.86 1.96
CA GLY D 24 -30.24 -13.56 1.41
C GLY D 24 -29.61 -14.63 0.55
N ALA D 25 -30.28 -15.78 0.39
CA ALA D 25 -29.67 -16.95 -0.21
C ALA D 25 -29.87 -16.97 -1.72
N TYR D 26 -28.91 -17.56 -2.42
CA TYR D 26 -28.93 -17.65 -3.88
C TYR D 26 -28.71 -19.10 -4.29
N VAL D 27 -29.78 -19.76 -4.73
CA VAL D 27 -29.73 -21.11 -5.27
C VAL D 27 -29.75 -20.98 -6.79
N VAL D 28 -28.68 -21.45 -7.44
CA VAL D 28 -28.44 -21.15 -8.85
C VAL D 28 -28.11 -22.42 -9.61
N GLY D 29 -28.89 -22.73 -10.64
CA GLY D 29 -28.49 -23.69 -11.65
C GLY D 29 -28.90 -25.12 -11.31
N ALA D 30 -27.96 -26.04 -11.44
CA ALA D 30 -28.22 -27.47 -11.31
C ALA D 30 -28.15 -27.87 -9.84
N VAL D 31 -29.23 -27.58 -9.12
CA VAL D 31 -29.30 -27.81 -7.68
C VAL D 31 -30.58 -28.56 -7.36
N GLU D 32 -30.48 -29.51 -6.44
CA GLU D 32 -31.64 -30.19 -5.85
C GLU D 32 -31.66 -29.88 -4.36
N VAL D 33 -32.82 -29.46 -3.86
CA VAL D 33 -33.00 -29.17 -2.45
C VAL D 33 -34.19 -29.98 -1.96
N GLY D 34 -33.93 -30.90 -1.02
CA GLY D 34 -34.91 -31.89 -0.63
C GLY D 34 -35.89 -31.40 0.41
N GLU D 35 -36.83 -32.28 0.74
CA GLU D 35 -37.85 -32.02 1.74
C GLU D 35 -37.20 -31.58 3.06
N GLY D 36 -37.74 -30.52 3.65
CA GLY D 36 -37.31 -30.07 4.96
C GLY D 36 -35.92 -29.48 5.02
N ALA D 37 -35.24 -29.31 3.89
CA ALA D 37 -33.94 -28.67 3.90
C ALA D 37 -34.11 -27.17 4.12
N SER D 38 -32.99 -26.50 4.41
CA SER D 38 -33.04 -25.06 4.64
C SER D 38 -31.72 -24.43 4.18
N ILE D 39 -31.83 -23.29 3.51
CA ILE D 39 -30.69 -22.55 3.01
C ILE D 39 -30.80 -21.13 3.54
N TRP D 40 -29.81 -20.72 4.34
CA TRP D 40 -29.97 -19.58 5.23
C TRP D 40 -29.35 -18.32 4.64
N PHE D 41 -29.41 -17.23 5.41
CA PHE D 41 -29.12 -15.89 4.89
C PHE D 41 -27.70 -15.81 4.34
N GLY D 42 -27.58 -15.26 3.13
CA GLY D 42 -26.29 -15.06 2.51
C GLY D 42 -25.62 -16.31 1.98
N ALA D 43 -26.25 -17.48 2.12
CA ALA D 43 -25.68 -18.69 1.56
C ALA D 43 -25.80 -18.69 0.04
N VAL D 44 -24.84 -19.31 -0.62
CA VAL D 44 -24.81 -19.42 -2.07
C VAL D 44 -24.66 -20.89 -2.43
N VAL D 45 -25.59 -21.40 -3.22
CA VAL D 45 -25.58 -22.80 -3.69
C VAL D 45 -25.61 -22.72 -5.20
N ARG D 46 -24.46 -22.97 -5.84
CA ARG D 46 -24.30 -22.73 -7.26
C ARG D 46 -23.90 -24.03 -7.96
N GLY D 47 -24.73 -24.48 -8.89
CA GLY D 47 -24.40 -25.61 -9.72
C GLY D 47 -24.48 -25.26 -11.19
N ASP D 48 -23.32 -25.14 -11.86
CA ASP D 48 -23.29 -24.83 -13.28
C ASP D 48 -22.53 -25.88 -14.07
N LEU D 49 -21.21 -25.99 -13.89
CA LEU D 49 -20.45 -27.03 -14.57
C LEU D 49 -20.58 -28.39 -13.91
N GLU D 50 -21.24 -28.47 -12.76
CA GLU D 50 -21.50 -29.74 -12.10
C GLU D 50 -22.61 -29.53 -11.07
N ARG D 51 -23.37 -30.59 -10.81
CA ARG D 51 -24.58 -30.46 -10.02
C ARG D 51 -24.27 -30.41 -8.52
N VAL D 52 -25.24 -29.89 -7.78
CA VAL D 52 -25.20 -29.84 -6.32
C VAL D 52 -26.51 -30.43 -5.79
N VAL D 53 -26.41 -31.25 -4.74
CA VAL D 53 -27.58 -31.86 -4.12
C VAL D 53 -27.59 -31.50 -2.64
N VAL D 54 -28.69 -30.92 -2.18
CA VAL D 54 -28.93 -30.64 -0.76
C VAL D 54 -30.01 -31.63 -0.31
N GLY D 55 -29.58 -32.72 0.32
CA GLY D 55 -30.48 -33.79 0.71
C GLY D 55 -31.56 -33.34 1.68
N PRO D 56 -32.56 -34.19 1.89
CA PRO D 56 -33.68 -33.82 2.76
C PRO D 56 -33.21 -33.53 4.18
N GLY D 57 -33.81 -32.50 4.79
CA GLY D 57 -33.48 -32.14 6.15
C GLY D 57 -32.07 -31.63 6.36
N THR D 58 -31.40 -31.20 5.30
CA THR D 58 -30.04 -30.67 5.39
C THR D 58 -30.09 -29.15 5.43
N ASN D 59 -29.37 -28.55 6.37
CA ASN D 59 -29.33 -27.10 6.51
C ASN D 59 -27.98 -26.59 6.03
N VAL D 60 -28.01 -25.56 5.20
CA VAL D 60 -26.83 -24.85 4.72
C VAL D 60 -26.89 -23.46 5.34
N GLN D 61 -26.02 -23.20 6.32
CA GLN D 61 -26.21 -22.07 7.22
C GLN D 61 -25.66 -20.78 6.60
N ASP D 62 -25.77 -19.70 7.37
CA ASP D 62 -25.56 -18.35 6.85
C ASP D 62 -24.15 -18.19 6.30
N GLY D 63 -24.06 -17.68 5.07
CA GLY D 63 -22.78 -17.39 4.47
C GLY D 63 -22.00 -18.58 3.98
N ALA D 64 -22.60 -19.77 3.97
CA ALA D 64 -21.91 -20.92 3.41
C ALA D 64 -22.01 -20.91 1.88
N VAL D 65 -21.04 -21.57 1.24
CA VAL D 65 -20.98 -21.64 -0.21
C VAL D 65 -20.88 -23.11 -0.61
N LEU D 66 -21.72 -23.52 -1.56
CA LEU D 66 -21.64 -24.82 -2.18
C LEU D 66 -21.36 -24.63 -3.66
N HIS D 67 -20.36 -25.35 -4.18
CA HIS D 67 -20.07 -25.34 -5.60
C HIS D 67 -19.47 -26.68 -5.98
N ALA D 68 -19.36 -26.92 -7.28
CA ALA D 68 -18.87 -28.20 -7.78
C ALA D 68 -18.06 -27.98 -9.04
N ASP D 69 -17.15 -28.92 -9.31
CA ASP D 69 -16.36 -28.99 -10.52
C ASP D 69 -16.72 -30.23 -11.32
N PRO D 70 -16.48 -30.22 -12.63
CA PRO D 70 -16.79 -31.40 -13.44
C PRO D 70 -16.14 -32.65 -12.88
N GLY D 71 -16.95 -33.71 -12.72
CA GLY D 71 -16.50 -34.92 -12.08
C GLY D 71 -16.51 -34.91 -10.57
N PHE D 72 -16.76 -33.75 -9.95
CA PHE D 72 -16.84 -33.62 -8.50
C PHE D 72 -18.16 -32.98 -8.12
N PRO D 73 -19.25 -33.75 -8.12
CA PRO D 73 -20.52 -33.21 -7.63
C PRO D 73 -20.46 -32.97 -6.14
N CYS D 74 -21.22 -31.97 -5.69
CA CYS D 74 -21.30 -31.61 -4.28
C CYS D 74 -22.59 -32.23 -3.73
N LEU D 75 -22.43 -33.32 -2.97
CA LEU D 75 -23.55 -34.17 -2.57
C LEU D 75 -23.69 -34.16 -1.06
N LEU D 76 -24.64 -33.36 -0.56
CA LEU D 76 -24.99 -33.38 0.84
C LEU D 76 -26.10 -34.40 1.04
N GLY D 77 -25.84 -35.43 1.85
CA GLY D 77 -26.83 -36.42 2.13
C GLY D 77 -27.92 -35.86 3.04
N PRO D 78 -28.84 -36.74 3.44
CA PRO D 78 -29.94 -36.28 4.29
C PRO D 78 -29.48 -35.97 5.70
N GLU D 79 -30.14 -34.98 6.31
CA GLU D 79 -29.91 -34.64 7.71
C GLU D 79 -28.46 -34.22 7.97
N VAL D 80 -27.91 -33.45 7.03
CA VAL D 80 -26.55 -32.93 7.12
C VAL D 80 -26.60 -31.48 7.57
N THR D 81 -25.54 -31.04 8.26
CA THR D 81 -25.39 -29.65 8.66
C THR D 81 -24.13 -29.06 8.03
N VAL D 82 -24.28 -27.91 7.38
CA VAL D 82 -23.16 -27.13 6.86
C VAL D 82 -23.15 -25.82 7.64
N GLY D 83 -22.20 -25.69 8.58
CA GLY D 83 -22.20 -24.58 9.51
C GLY D 83 -21.95 -23.24 8.83
N HIS D 84 -22.16 -22.17 9.61
CA HIS D 84 -22.02 -20.80 9.13
C HIS D 84 -20.72 -20.62 8.37
N ARG D 85 -20.81 -20.09 7.15
CA ARG D 85 -19.67 -19.62 6.40
C ARG D 85 -18.72 -20.75 6.00
N ALA D 86 -19.20 -22.00 6.01
CA ALA D 86 -18.35 -23.09 5.55
C ALA D 86 -18.40 -23.19 4.03
N VAL D 87 -17.35 -23.79 3.46
CA VAL D 87 -17.27 -24.01 2.03
C VAL D 87 -17.15 -25.50 1.80
N VAL D 88 -18.13 -26.08 1.11
CA VAL D 88 -18.11 -27.47 0.70
C VAL D 88 -18.07 -27.48 -0.82
N HIS D 89 -16.96 -27.97 -1.39
CA HIS D 89 -16.71 -27.87 -2.81
C HIS D 89 -16.49 -29.26 -3.39
N GLY D 90 -17.46 -29.73 -4.17
CA GLY D 90 -17.30 -30.97 -4.93
C GLY D 90 -17.03 -32.19 -4.10
N ALA D 91 -17.56 -32.25 -2.89
CA ALA D 91 -17.32 -33.35 -1.96
C ALA D 91 -18.62 -34.08 -1.68
N VAL D 92 -18.51 -35.24 -1.05
CA VAL D 92 -19.65 -36.03 -0.61
C VAL D 92 -19.72 -35.96 0.90
N VAL D 93 -20.85 -35.50 1.42
CA VAL D 93 -21.12 -35.45 2.86
C VAL D 93 -22.27 -36.39 3.14
N GLU D 94 -22.03 -37.39 3.97
CA GLU D 94 -23.01 -38.45 4.16
C GLU D 94 -23.96 -38.10 5.30
N GLU D 95 -25.00 -38.92 5.43
CA GLU D 95 -26.11 -38.65 6.35
C GLU D 95 -25.61 -38.36 7.76
N GLY D 96 -26.21 -37.33 8.38
CA GLY D 96 -25.95 -37.01 9.76
C GLY D 96 -24.64 -36.29 10.03
N ALA D 97 -23.81 -36.07 9.02
CA ALA D 97 -22.52 -35.44 9.25
C ALA D 97 -22.67 -33.94 9.46
N LEU D 98 -21.59 -33.33 9.97
CA LEU D 98 -21.56 -31.91 10.24
C LEU D 98 -20.26 -31.34 9.70
N VAL D 99 -20.36 -30.35 8.81
CA VAL D 99 -19.23 -29.54 8.39
C VAL D 99 -19.23 -28.28 9.26
N GLY D 100 -18.17 -28.10 10.03
CA GLY D 100 -18.14 -27.04 11.00
C GLY D 100 -18.09 -25.66 10.37
N MET D 101 -18.50 -24.68 11.17
CA MET D 101 -18.50 -23.29 10.72
C MET D 101 -17.10 -22.84 10.33
N GLY D 102 -17.00 -22.19 9.17
CA GLY D 102 -15.72 -21.73 8.66
C GLY D 102 -14.84 -22.79 8.05
N ALA D 103 -15.25 -24.06 8.07
CA ALA D 103 -14.43 -25.11 7.50
C ALA D 103 -14.50 -25.08 5.97
N VAL D 104 -13.52 -25.72 5.35
CA VAL D 104 -13.41 -25.81 3.90
C VAL D 104 -13.20 -27.29 3.54
N VAL D 105 -14.09 -27.82 2.70
CA VAL D 105 -14.04 -29.21 2.27
C VAL D 105 -13.93 -29.23 0.74
N LEU D 106 -12.88 -29.86 0.23
CA LEU D 106 -12.46 -29.70 -1.16
C LEU D 106 -12.85 -30.91 -2.01
N ASN D 107 -12.53 -30.80 -3.30
CA ASN D 107 -13.03 -31.74 -4.32
C ASN D 107 -12.69 -33.19 -3.99
N GLY D 108 -13.70 -34.06 -4.08
CA GLY D 108 -13.50 -35.47 -3.88
C GLY D 108 -13.36 -35.92 -2.45
N ALA D 109 -13.39 -34.99 -1.50
CA ALA D 109 -13.39 -35.38 -0.10
C ALA D 109 -14.69 -36.09 0.25
N ARG D 110 -14.64 -36.89 1.31
CA ARG D 110 -15.79 -37.67 1.74
C ARG D 110 -15.92 -37.56 3.24
N ILE D 111 -17.05 -37.07 3.72
CA ILE D 111 -17.34 -36.96 5.15
C ILE D 111 -18.31 -38.08 5.49
N GLY D 112 -17.83 -39.06 6.26
CA GLY D 112 -18.63 -40.22 6.57
C GLY D 112 -19.83 -39.91 7.44
N LYS D 113 -20.72 -40.89 7.55
CA LYS D 113 -21.93 -40.76 8.34
C LYS D 113 -21.60 -40.28 9.75
N ASN D 114 -22.35 -39.28 10.21
CA ASN D 114 -22.28 -38.75 11.57
C ASN D 114 -20.88 -38.24 11.94
N ALA D 115 -20.00 -38.07 10.96
CA ALA D 115 -18.69 -37.49 11.23
C ALA D 115 -18.83 -35.99 11.43
N VAL D 116 -17.76 -35.37 11.95
CA VAL D 116 -17.76 -33.94 12.24
C VAL D 116 -16.45 -33.35 11.71
N VAL D 117 -16.57 -32.36 10.85
CA VAL D 117 -15.43 -31.54 10.44
C VAL D 117 -15.36 -30.35 11.39
N GLY D 118 -14.29 -30.25 12.15
CA GLY D 118 -14.16 -29.18 13.12
C GLY D 118 -14.19 -27.81 12.47
N ALA D 119 -14.54 -26.82 13.28
CA ALA D 119 -14.65 -25.45 12.81
C ALA D 119 -13.32 -24.95 12.27
N GLY D 120 -13.35 -24.35 11.07
CA GLY D 120 -12.17 -23.78 10.47
C GLY D 120 -11.19 -24.78 9.89
N ALA D 121 -11.48 -26.07 9.95
CA ALA D 121 -10.59 -27.06 9.38
C ALA D 121 -10.64 -27.03 7.85
N VAL D 122 -9.56 -27.45 7.22
CA VAL D 122 -9.49 -27.58 5.77
C VAL D 122 -9.26 -29.05 5.44
N VAL D 123 -10.23 -29.65 4.75
CA VAL D 123 -10.17 -31.04 4.33
C VAL D 123 -9.63 -31.07 2.90
N PRO D 124 -8.40 -31.53 2.67
CA PRO D 124 -7.80 -31.46 1.33
C PRO D 124 -8.57 -32.30 0.33
N PRO D 125 -8.37 -32.09 -0.96
CA PRO D 125 -9.07 -32.91 -1.96
C PRO D 125 -8.75 -34.38 -1.78
N GLY D 126 -9.80 -35.20 -1.79
CA GLY D 126 -9.66 -36.64 -1.73
C GLY D 126 -9.71 -37.24 -0.34
N MET D 127 -9.49 -36.45 0.71
CA MET D 127 -9.45 -37.01 2.05
C MET D 127 -10.84 -37.50 2.47
N GLU D 128 -10.87 -38.68 3.09
CA GLU D 128 -12.12 -39.27 3.57
C GLU D 128 -12.09 -39.33 5.10
N VAL D 129 -13.03 -38.63 5.72
CA VAL D 129 -13.20 -38.66 7.18
C VAL D 129 -14.11 -39.84 7.52
N PRO D 130 -13.63 -40.83 8.28
CA PRO D 130 -14.42 -42.04 8.52
C PRO D 130 -15.70 -41.74 9.29
N GLU D 131 -16.59 -42.72 9.27
CA GLU D 131 -17.90 -42.60 9.92
C GLU D 131 -17.74 -42.36 11.42
N GLY D 132 -18.47 -41.38 11.92
CA GLY D 132 -18.47 -41.10 13.35
C GLY D 132 -17.17 -40.60 13.91
N ARG D 133 -16.35 -39.94 13.11
CA ARG D 133 -15.04 -39.45 13.53
C ARG D 133 -15.00 -37.93 13.51
N LEU D 134 -14.10 -37.38 14.30
CA LEU D 134 -13.82 -35.95 14.33
C LEU D 134 -12.53 -35.67 13.58
N ALA D 135 -12.57 -34.69 12.67
CA ALA D 135 -11.40 -34.26 11.93
C ALA D 135 -11.25 -32.75 12.07
N LEU D 136 -10.03 -32.31 12.32
CA LEU D 136 -9.80 -30.88 12.52
C LEU D 136 -8.37 -30.51 12.15
N GLY D 137 -8.16 -29.22 11.92
CA GLY D 137 -6.84 -28.68 11.64
C GLY D 137 -6.72 -28.19 10.21
N VAL D 138 -5.61 -27.50 9.97
CA VAL D 138 -5.24 -27.05 8.64
C VAL D 138 -3.83 -27.55 8.31
N PRO D 139 -3.72 -28.61 7.50
CA PRO D 139 -4.83 -29.40 6.95
C PRO D 139 -5.43 -30.34 8.00
N ALA D 140 -6.60 -30.89 7.71
CA ALA D 140 -7.34 -31.63 8.72
C ALA D 140 -6.80 -33.05 8.89
N ARG D 141 -6.90 -33.55 10.12
CA ARG D 141 -6.51 -34.90 10.48
C ARG D 141 -7.64 -35.54 11.26
N VAL D 142 -7.79 -36.85 11.13
CA VAL D 142 -8.78 -37.59 11.91
C VAL D 142 -8.28 -37.73 13.34
N VAL D 143 -9.09 -37.30 14.29
CA VAL D 143 -8.66 -37.12 15.68
C VAL D 143 -9.19 -38.22 16.60
N ARG D 144 -10.49 -38.44 16.61
CA ARG D 144 -11.11 -39.31 17.60
C ARG D 144 -12.55 -39.57 17.20
N PRO D 145 -13.18 -40.60 17.76
CA PRO D 145 -14.63 -40.75 17.60
C PRO D 145 -15.38 -39.64 18.31
N ILE D 146 -16.58 -39.36 17.83
CA ILE D 146 -17.36 -38.24 18.36
C ILE D 146 -18.84 -38.61 18.29
N ASP D 147 -19.60 -38.17 19.30
CA ASP D 147 -21.03 -38.37 19.30
C ASP D 147 -21.65 -37.72 18.07
N PRO D 148 -22.77 -38.25 17.58
CA PRO D 148 -23.41 -37.68 16.40
C PRO D 148 -23.87 -36.26 16.66
N PRO D 149 -23.60 -35.32 15.75
CA PRO D 149 -24.10 -33.97 15.92
C PRO D 149 -25.62 -33.94 15.85
N GLY D 150 -26.21 -32.95 16.52
CA GLY D 150 -27.66 -32.86 16.55
C GLY D 150 -28.21 -31.60 15.90
N ASN D 151 -27.41 -30.92 15.08
CA ASN D 151 -27.85 -29.64 14.52
C ASN D 151 -29.00 -29.83 13.54
N ALA D 152 -28.98 -30.92 12.77
CA ALA D 152 -29.98 -31.10 11.71
C ALA D 152 -31.41 -31.15 12.22
N PRO D 153 -31.75 -31.92 13.27
CA PRO D 153 -33.13 -31.84 13.78
C PRO D 153 -33.48 -30.47 14.33
N ARG D 154 -32.51 -29.79 14.95
CA ARG D 154 -32.74 -28.43 15.43
C ARG D 154 -33.12 -27.50 14.29
N TYR D 155 -32.43 -27.63 13.15
CA TYR D 155 -32.67 -26.71 12.04
C TYR D 155 -33.92 -27.07 11.25
N ARG D 156 -34.30 -28.35 11.20
CA ARG D 156 -35.61 -28.70 10.66
C ARG D 156 -36.72 -27.93 11.37
N ALA D 157 -36.68 -27.94 12.71
CA ALA D 157 -37.71 -27.25 13.49
C ALA D 157 -37.58 -25.74 13.36
N LEU D 158 -36.34 -25.23 13.38
CA LEU D 158 -36.13 -23.79 13.23
C LEU D 158 -36.56 -23.32 11.85
N ALA D 159 -36.25 -24.10 10.81
CA ALA D 159 -36.63 -23.72 9.46
C ALA D 159 -38.14 -23.65 9.30
N GLU D 160 -38.87 -24.63 9.86
CA GLU D 160 -40.32 -24.59 9.80
C GLU D 160 -40.87 -23.34 10.48
N ARG D 161 -40.26 -22.95 11.60
CA ARG D 161 -40.70 -21.73 12.28
C ARG D 161 -40.46 -20.50 11.41
N TYR D 162 -39.31 -20.43 10.75
CA TYR D 162 -39.03 -19.31 9.85
C TYR D 162 -39.99 -19.28 8.67
N ARG D 163 -40.38 -20.46 8.18
CA ARG D 163 -41.31 -20.52 7.04
C ARG D 163 -42.66 -19.92 7.37
N LYS D 164 -43.00 -19.78 8.65
CA LYS D 164 -44.32 -19.30 9.04
C LYS D 164 -44.32 -17.88 9.62
N ALA D 165 -43.17 -17.36 10.03
CA ALA D 165 -43.17 -16.13 10.83
C ALA D 165 -41.94 -15.27 10.56
N LEU D 166 -41.56 -15.14 9.29
CA LEU D 166 -40.46 -14.26 8.88
C LEU D 166 -41.05 -13.12 8.07
N PHE D 167 -40.85 -11.89 8.55
CA PHE D 167 -41.35 -10.71 7.87
C PHE D 167 -40.34 -9.57 7.96
N PRO D 168 -40.14 -8.81 6.89
CA PRO D 168 -39.31 -7.63 6.98
C PRO D 168 -39.99 -6.54 7.80
N VAL D 169 -39.19 -5.80 8.54
CA VAL D 169 -39.72 -4.73 9.37
C VAL D 169 -39.56 -3.37 8.69
N SER E 4 -26.68 -3.46 -10.29
CA SER E 4 -26.72 -2.41 -9.28
C SER E 4 -25.37 -2.29 -8.57
N VAL E 5 -24.93 -1.05 -8.34
CA VAL E 5 -23.62 -0.74 -7.79
C VAL E 5 -23.81 0.37 -6.76
N TYR E 6 -22.82 0.54 -5.88
CA TYR E 6 -22.93 1.50 -4.79
C TYR E 6 -21.82 2.52 -4.85
N ARG E 7 -22.20 3.80 -4.84
CA ARG E 7 -21.27 4.92 -4.79
C ARG E 7 -21.17 5.41 -3.35
N PHE E 8 -19.95 5.64 -2.89
CA PHE E 8 -19.69 6.15 -1.55
C PHE E 8 -19.02 7.52 -1.67
N GLU E 9 -19.70 8.55 -1.17
CA GLU E 9 -19.28 9.95 -1.31
C GLU E 9 -19.15 10.23 -2.80
N ASP E 10 -17.97 10.57 -3.32
CA ASP E 10 -17.79 10.81 -4.75
C ASP E 10 -17.06 9.66 -5.44
N LYS E 11 -17.04 8.49 -4.81
CA LYS E 11 -16.37 7.31 -5.37
C LYS E 11 -17.43 6.38 -5.96
N THR E 12 -17.46 6.30 -7.29
CA THR E 12 -18.36 5.40 -8.01
C THR E 12 -17.55 4.33 -8.71
N PRO E 13 -17.90 3.05 -8.57
CA PRO E 13 -17.15 2.00 -9.25
C PRO E 13 -17.18 2.18 -10.77
N ALA E 14 -16.05 1.89 -11.40
CA ALA E 14 -15.94 1.90 -12.86
C ALA E 14 -15.98 0.45 -13.32
N VAL E 15 -17.10 0.06 -13.94
CA VAL E 15 -17.35 -1.33 -14.32
C VAL E 15 -17.34 -1.41 -15.83
N HIS E 16 -16.42 -2.21 -16.37
CA HIS E 16 -16.37 -2.42 -17.81
C HIS E 16 -17.64 -3.12 -18.27
N PRO E 17 -18.15 -2.80 -19.47
CA PRO E 17 -19.43 -3.39 -19.91
C PRO E 17 -19.42 -4.91 -19.98
N THR E 18 -18.28 -5.54 -20.23
CA THR E 18 -18.24 -6.99 -20.36
C THR E 18 -18.04 -7.71 -19.03
N ALA E 19 -17.88 -6.98 -17.93
CA ALA E 19 -17.73 -7.63 -16.64
C ALA E 19 -19.07 -8.19 -16.18
N PHE E 20 -19.01 -9.24 -15.37
CA PHE E 20 -20.19 -9.85 -14.79
C PHE E 20 -20.24 -9.53 -13.30
N ILE E 21 -21.33 -8.92 -12.87
CA ILE E 21 -21.61 -8.69 -11.46
C ILE E 21 -22.88 -9.44 -11.13
N ALA E 22 -22.77 -10.46 -10.29
CA ALA E 22 -23.89 -11.35 -10.02
C ALA E 22 -24.86 -10.70 -9.05
N PRO E 23 -26.13 -11.13 -9.07
CA PRO E 23 -27.07 -10.71 -8.02
C PRO E 23 -26.53 -11.07 -6.65
N GLY E 24 -26.67 -10.14 -5.71
CA GLY E 24 -26.16 -10.35 -4.38
C GLY E 24 -24.71 -10.00 -4.18
N ALA E 25 -24.03 -9.51 -5.21
CA ALA E 25 -22.67 -8.99 -5.07
C ALA E 25 -22.72 -7.50 -4.80
N TYR E 26 -21.82 -7.01 -3.96
CA TYR E 26 -21.81 -5.62 -3.53
C TYR E 26 -20.46 -4.99 -3.88
N VAL E 27 -20.45 -4.22 -4.96
CA VAL E 27 -19.29 -3.45 -5.40
C VAL E 27 -19.50 -2.02 -4.96
N VAL E 28 -18.64 -1.54 -4.06
CA VAL E 28 -18.88 -0.30 -3.33
C VAL E 28 -17.66 0.60 -3.44
N GLY E 29 -17.87 1.83 -3.91
CA GLY E 29 -16.88 2.88 -3.79
C GLY E 29 -15.81 2.95 -4.87
N ALA E 30 -14.57 3.17 -4.44
CA ALA E 30 -13.44 3.36 -5.37
C ALA E 30 -12.95 1.99 -5.83
N VAL E 31 -13.69 1.42 -6.76
CA VAL E 31 -13.40 0.09 -7.31
C VAL E 31 -13.36 0.18 -8.83
N GLU E 32 -12.39 -0.48 -9.43
CA GLU E 32 -12.31 -0.63 -10.88
C GLU E 32 -12.42 -2.10 -11.22
N VAL E 33 -13.31 -2.43 -12.15
CA VAL E 33 -13.58 -3.82 -12.56
C VAL E 33 -13.27 -3.92 -14.04
N GLY E 34 -12.25 -4.69 -14.38
CA GLY E 34 -11.75 -4.73 -15.74
C GLY E 34 -12.58 -5.56 -16.69
N GLU E 35 -12.21 -5.45 -17.97
CA GLU E 35 -12.86 -6.21 -19.03
C GLU E 35 -12.84 -7.70 -18.73
N GLY E 36 -13.99 -8.35 -18.91
CA GLY E 36 -14.06 -9.79 -18.74
C GLY E 36 -13.88 -10.28 -17.32
N ALA E 37 -13.88 -9.38 -16.34
CA ALA E 37 -13.83 -9.78 -14.93
C ALA E 37 -15.22 -10.20 -14.45
N SER E 38 -15.27 -10.84 -13.29
CA SER E 38 -16.54 -11.29 -12.75
C SER E 38 -16.51 -11.26 -11.23
N ILE E 39 -17.60 -10.79 -10.64
CA ILE E 39 -17.79 -10.75 -9.20
C ILE E 39 -19.08 -11.51 -8.90
N TRP E 40 -18.96 -12.58 -8.11
CA TRP E 40 -20.00 -13.59 -8.03
C TRP E 40 -20.87 -13.41 -6.79
N PHE E 41 -21.86 -14.31 -6.65
CA PHE E 41 -22.92 -14.15 -5.67
C PHE E 41 -22.38 -14.00 -4.26
N GLY E 42 -22.85 -12.97 -3.55
CA GLY E 42 -22.46 -12.75 -2.17
C GLY E 42 -21.10 -12.10 -1.97
N ALA E 43 -20.33 -11.89 -3.03
CA ALA E 43 -19.03 -11.24 -2.88
C ALA E 43 -19.21 -9.77 -2.53
N VAL E 44 -18.24 -9.25 -1.78
CA VAL E 44 -18.21 -7.84 -1.39
C VAL E 44 -16.88 -7.26 -1.82
N VAL E 45 -16.92 -6.21 -2.63
CA VAL E 45 -15.73 -5.50 -3.08
C VAL E 45 -15.92 -4.04 -2.67
N ARG E 46 -15.25 -3.61 -1.61
CA ARG E 46 -15.47 -2.31 -1.00
C ARG E 46 -14.18 -1.50 -1.01
N GLY E 47 -14.23 -0.33 -1.64
CA GLY E 47 -13.12 0.60 -1.58
C GLY E 47 -13.57 1.98 -1.12
N ASP E 48 -13.36 2.28 0.16
CA ASP E 48 -13.69 3.58 0.72
C ASP E 48 -12.46 4.38 1.14
N LEU E 49 -11.61 3.79 1.97
CA LEU E 49 -10.39 4.45 2.44
C LEU E 49 -9.23 4.35 1.48
N GLU E 50 -9.35 3.52 0.43
CA GLU E 50 -8.27 3.24 -0.51
C GLU E 50 -8.87 2.42 -1.64
N ARG E 51 -8.25 2.51 -2.81
CA ARG E 51 -8.83 1.96 -4.02
C ARG E 51 -8.67 0.44 -4.09
N VAL E 52 -9.59 -0.19 -4.82
CA VAL E 52 -9.55 -1.62 -5.09
C VAL E 52 -9.66 -1.81 -6.60
N VAL E 53 -8.84 -2.70 -7.15
CA VAL E 53 -8.80 -2.93 -8.59
C VAL E 53 -9.03 -4.42 -8.85
N VAL E 54 -10.05 -4.74 -9.64
CA VAL E 54 -10.31 -6.08 -10.15
C VAL E 54 -9.87 -6.07 -11.60
N GLY E 55 -8.71 -6.64 -11.88
CA GLY E 55 -8.12 -6.57 -13.20
C GLY E 55 -8.92 -7.32 -14.26
N PRO E 56 -8.54 -7.13 -15.52
CA PRO E 56 -9.24 -7.82 -16.62
C PRO E 56 -9.20 -9.33 -16.46
N GLY E 57 -10.34 -9.97 -16.71
CA GLY E 57 -10.42 -11.41 -16.66
C GLY E 57 -10.23 -12.02 -15.29
N THR E 58 -10.39 -11.25 -14.22
CA THR E 58 -10.23 -11.73 -12.87
C THR E 58 -11.59 -12.04 -12.26
N ASN E 59 -11.71 -13.21 -11.64
CA ASN E 59 -12.97 -13.62 -11.02
C ASN E 59 -12.83 -13.54 -9.51
N VAL E 60 -13.82 -12.90 -8.87
CA VAL E 60 -13.93 -12.81 -7.42
C VAL E 60 -15.13 -13.68 -7.05
N GLN E 61 -14.84 -14.88 -6.55
CA GLN E 61 -15.86 -15.92 -6.46
C GLN E 61 -16.80 -15.66 -5.28
N ASP E 62 -17.80 -16.53 -5.15
CA ASP E 62 -18.93 -16.31 -4.26
C ASP E 62 -18.47 -16.13 -2.82
N GLY E 63 -19.00 -15.11 -2.16
CA GLY E 63 -18.72 -14.87 -0.76
C GLY E 63 -17.35 -14.30 -0.47
N ALA E 64 -16.54 -14.03 -1.50
CA ALA E 64 -15.24 -13.43 -1.26
C ALA E 64 -15.40 -11.99 -0.80
N VAL E 65 -14.38 -11.47 -0.13
CA VAL E 65 -14.37 -10.10 0.38
C VAL E 65 -13.07 -9.45 -0.02
N LEU E 66 -13.16 -8.26 -0.64
CA LEU E 66 -12.01 -7.44 -0.95
C LEU E 66 -12.18 -6.10 -0.23
N HIS E 67 -11.12 -5.63 0.40
CA HIS E 67 -11.12 -4.33 1.05
C HIS E 67 -9.69 -3.80 1.08
N ALA E 68 -9.55 -2.52 1.41
CA ALA E 68 -8.25 -1.87 1.40
C ALA E 68 -8.20 -0.80 2.49
N ASP E 69 -7.04 -0.65 3.11
CA ASP E 69 -6.74 0.37 4.11
C ASP E 69 -5.95 1.50 3.49
N PRO E 70 -5.95 2.68 4.11
CA PRO E 70 -5.11 3.78 3.60
C PRO E 70 -3.66 3.34 3.43
N GLY E 71 -3.11 3.65 2.25
CA GLY E 71 -1.76 3.26 1.92
C GLY E 71 -1.58 1.83 1.49
N PHE E 72 -2.64 1.01 1.53
CA PHE E 72 -2.58 -0.40 1.14
C PHE E 72 -3.68 -0.66 0.13
N PRO E 73 -3.46 -0.30 -1.14
CA PRO E 73 -4.45 -0.62 -2.17
C PRO E 73 -4.54 -2.13 -2.40
N CYS E 74 -5.75 -2.59 -2.68
CA CYS E 74 -5.99 -4.00 -3.00
C CYS E 74 -6.05 -4.11 -4.52
N LEU E 75 -4.99 -4.68 -5.10
CA LEU E 75 -4.79 -4.66 -6.55
C LEU E 75 -4.72 -6.09 -7.06
N LEU E 76 -5.76 -6.51 -7.78
CA LEU E 76 -5.77 -7.81 -8.44
C LEU E 76 -5.36 -7.60 -9.90
N GLY E 77 -4.23 -8.20 -10.29
CA GLY E 77 -3.79 -8.13 -11.65
C GLY E 77 -4.75 -8.87 -12.58
N PRO E 78 -4.40 -8.91 -13.86
CA PRO E 78 -5.27 -9.59 -14.82
C PRO E 78 -5.22 -11.10 -14.66
N GLU E 79 -6.34 -11.74 -15.00
CA GLU E 79 -6.46 -13.20 -15.02
C GLU E 79 -6.23 -13.83 -13.64
N VAL E 80 -6.62 -13.11 -12.57
CA VAL E 80 -6.46 -13.57 -11.20
C VAL E 80 -7.71 -14.33 -10.76
N THR E 81 -7.53 -15.31 -9.88
CA THR E 81 -8.63 -16.06 -9.30
C THR E 81 -8.67 -15.84 -7.79
N VAL E 82 -9.79 -15.34 -7.29
CA VAL E 82 -10.04 -15.25 -5.85
C VAL E 82 -11.15 -16.25 -5.53
N GLY E 83 -10.77 -17.35 -4.86
CA GLY E 83 -11.67 -18.44 -4.64
C GLY E 83 -12.80 -18.11 -3.67
N HIS E 84 -13.76 -19.04 -3.61
CA HIS E 84 -14.94 -18.89 -2.76
C HIS E 84 -14.56 -18.48 -1.35
N ARG E 85 -15.14 -17.38 -0.89
CA ARG E 85 -15.07 -16.96 0.51
C ARG E 85 -13.64 -16.62 0.94
N ALA E 86 -12.80 -16.23 -0.02
CA ALA E 86 -11.48 -15.75 0.35
C ALA E 86 -11.55 -14.27 0.72
N VAL E 87 -10.57 -13.83 1.50
CA VAL E 87 -10.45 -12.43 1.90
C VAL E 87 -9.10 -11.92 1.44
N VAL E 88 -9.11 -10.95 0.53
CA VAL E 88 -7.89 -10.28 0.09
C VAL E 88 -8.00 -8.84 0.56
N HIS E 89 -7.10 -8.45 1.46
CA HIS E 89 -7.18 -7.17 2.14
C HIS E 89 -5.89 -6.39 1.89
N GLY E 90 -5.98 -5.31 1.12
CA GLY E 90 -4.86 -4.41 0.90
C GLY E 90 -3.58 -5.08 0.42
N ALA E 91 -3.71 -6.06 -0.47
CA ALA E 91 -2.56 -6.79 -0.98
C ALA E 91 -2.53 -6.71 -2.51
N VAL E 92 -1.39 -7.10 -3.07
CA VAL E 92 -1.18 -7.14 -4.51
C VAL E 92 -1.16 -8.61 -4.94
N VAL E 93 -2.02 -8.94 -5.91
CA VAL E 93 -2.09 -10.30 -6.45
C VAL E 93 -1.76 -10.19 -7.93
N GLU E 94 -0.61 -10.71 -8.32
CA GLU E 94 -0.10 -10.50 -9.67
C GLU E 94 -0.80 -11.42 -10.67
N GLU E 95 -0.49 -11.19 -11.94
CA GLU E 95 -1.16 -11.85 -13.06
C GLU E 95 -1.16 -13.36 -12.91
N GLY E 96 -2.32 -13.98 -13.16
CA GLY E 96 -2.44 -15.42 -13.21
C GLY E 96 -2.44 -16.14 -11.88
N ALA E 97 -2.32 -15.42 -10.77
CA ALA E 97 -2.27 -16.05 -9.47
C ALA E 97 -3.65 -16.56 -9.05
N LEU E 98 -3.67 -17.42 -8.03
CA LEU E 98 -4.88 -17.94 -7.43
C LEU E 98 -4.80 -17.80 -5.93
N VAL E 99 -5.83 -17.21 -5.33
CA VAL E 99 -6.01 -17.19 -3.88
C VAL E 99 -7.04 -18.25 -3.54
N GLY E 100 -6.60 -19.31 -2.85
CA GLY E 100 -7.46 -20.45 -2.62
C GLY E 100 -8.72 -20.07 -1.85
N MET E 101 -9.75 -20.90 -2.04
CA MET E 101 -11.03 -20.63 -1.40
C MET E 101 -10.88 -20.69 0.11
N GLY E 102 -11.42 -19.69 0.79
CA GLY E 102 -11.31 -19.59 2.23
C GLY E 102 -10.02 -18.99 2.74
N ALA E 103 -9.08 -18.65 1.87
CA ALA E 103 -7.80 -18.10 2.32
C ALA E 103 -7.95 -16.64 2.74
N VAL E 104 -6.93 -16.12 3.41
CA VAL E 104 -6.90 -14.73 3.87
C VAL E 104 -5.55 -14.13 3.49
N VAL E 105 -5.58 -13.00 2.80
CA VAL E 105 -4.38 -12.29 2.35
C VAL E 105 -4.46 -10.87 2.87
N LEU E 106 -3.42 -10.44 3.60
CA LEU E 106 -3.47 -9.25 4.43
C LEU E 106 -2.59 -8.13 3.87
N ASN E 107 -2.59 -7.01 4.59
CA ASN E 107 -2.08 -5.73 4.09
C ASN E 107 -0.63 -5.82 3.66
N GLY E 108 -0.34 -5.31 2.47
CA GLY E 108 1.02 -5.24 1.97
C GLY E 108 1.60 -6.56 1.52
N ALA E 109 0.84 -7.66 1.58
CA ALA E 109 1.30 -8.92 1.04
C ALA E 109 1.32 -8.85 -0.48
N ARG E 110 2.19 -9.67 -1.09
CA ARG E 110 2.31 -9.72 -2.54
C ARG E 110 2.26 -11.18 -2.96
N ILE E 111 1.30 -11.51 -3.82
CA ILE E 111 1.19 -12.84 -4.40
C ILE E 111 1.79 -12.78 -5.79
N GLY E 112 2.89 -13.52 -5.99
CA GLY E 112 3.62 -13.43 -7.23
C GLY E 112 2.85 -13.98 -8.41
N LYS E 113 3.38 -13.71 -9.61
CA LYS E 113 2.75 -14.15 -10.84
C LYS E 113 2.58 -15.66 -10.85
N ASN E 114 1.37 -16.11 -11.18
CA ASN E 114 1.03 -17.53 -11.31
C ASN E 114 1.22 -18.31 -10.01
N ALA E 115 1.30 -17.62 -8.87
CA ALA E 115 1.45 -18.30 -7.59
C ALA E 115 0.08 -18.76 -7.07
N VAL E 116 0.12 -19.66 -6.09
CA VAL E 116 -1.08 -20.22 -5.50
C VAL E 116 -1.01 -20.08 -3.99
N VAL E 117 -2.06 -19.50 -3.42
CA VAL E 117 -2.29 -19.52 -1.97
C VAL E 117 -3.25 -20.66 -1.68
N GLY E 118 -2.79 -21.63 -0.88
CA GLY E 118 -3.62 -22.78 -0.59
C GLY E 118 -4.93 -22.38 0.08
N ALA E 119 -5.91 -23.26 -0.07
CA ALA E 119 -7.21 -23.03 0.56
C ALA E 119 -7.04 -22.94 2.07
N GLY E 120 -7.73 -21.95 2.67
CA GLY E 120 -7.66 -21.76 4.10
C GLY E 120 -6.38 -21.16 4.63
N ALA E 121 -5.40 -20.91 3.77
CA ALA E 121 -4.14 -20.34 4.22
C ALA E 121 -4.31 -18.87 4.62
N VAL E 122 -3.45 -18.41 5.51
CA VAL E 122 -3.47 -17.03 5.99
C VAL E 122 -2.10 -16.43 5.71
N VAL E 123 -2.03 -15.54 4.72
CA VAL E 123 -0.78 -14.86 4.36
C VAL E 123 -0.67 -13.61 5.22
N PRO E 124 0.29 -13.55 6.15
CA PRO E 124 0.35 -12.42 7.08
C PRO E 124 0.73 -11.13 6.38
N PRO E 125 0.54 -9.98 7.04
CA PRO E 125 0.87 -8.70 6.39
C PRO E 125 2.33 -8.65 5.97
N GLY E 126 2.55 -8.13 4.76
CA GLY E 126 3.88 -7.95 4.22
C GLY E 126 4.52 -9.19 3.62
N MET E 127 3.91 -10.36 3.74
CA MET E 127 4.52 -11.57 3.22
C MET E 127 4.45 -11.60 1.70
N GLU E 128 5.54 -12.02 1.08
CA GLU E 128 5.62 -12.14 -0.38
C GLU E 128 5.64 -13.62 -0.75
N VAL E 129 4.70 -14.02 -1.61
CA VAL E 129 4.70 -15.35 -2.21
C VAL E 129 5.37 -15.24 -3.58
N PRO E 130 6.55 -15.81 -3.78
CA PRO E 130 7.25 -15.65 -5.06
C PRO E 130 6.46 -16.24 -6.22
N GLU E 131 6.80 -15.77 -7.42
CA GLU E 131 6.13 -16.22 -8.63
C GLU E 131 6.22 -17.74 -8.78
N GLY E 132 5.10 -18.35 -9.13
CA GLY E 132 5.07 -19.78 -9.38
C GLY E 132 5.22 -20.66 -8.18
N ARG E 133 5.00 -20.13 -6.97
CA ARG E 133 5.11 -20.88 -5.73
C ARG E 133 3.75 -21.14 -5.09
N LEU E 134 3.72 -22.18 -4.26
CA LEU E 134 2.54 -22.52 -3.48
C LEU E 134 2.80 -22.17 -2.02
N ALA E 135 1.82 -21.52 -1.39
CA ALA E 135 1.88 -21.18 0.03
C ALA E 135 0.70 -21.79 0.75
N LEU E 136 0.95 -22.44 1.89
CA LEU E 136 -0.06 -23.16 2.63
C LEU E 136 0.07 -22.89 4.12
N GLY E 137 -1.03 -23.10 4.84
CA GLY E 137 -1.01 -23.18 6.28
C GLY E 137 -1.38 -21.87 6.96
N VAL E 138 -1.55 -21.96 8.27
CA VAL E 138 -1.87 -20.82 9.12
C VAL E 138 -0.79 -20.68 10.19
N PRO E 139 0.13 -19.71 10.03
CA PRO E 139 0.25 -18.78 8.89
C PRO E 139 0.85 -19.44 7.65
N ALA E 140 0.77 -18.78 6.50
CA ALA E 140 1.24 -19.40 5.26
C ALA E 140 2.76 -19.46 5.22
N ARG E 141 3.29 -20.51 4.58
CA ARG E 141 4.69 -20.57 4.20
C ARG E 141 4.82 -20.95 2.73
N VAL E 142 5.86 -20.41 2.10
CA VAL E 142 6.24 -20.85 0.77
C VAL E 142 6.73 -22.30 0.87
N VAL E 143 6.10 -23.19 0.11
CA VAL E 143 6.32 -24.62 0.24
C VAL E 143 7.10 -25.18 -0.95
N ARG E 144 6.64 -24.92 -2.16
CA ARG E 144 7.20 -25.58 -3.34
C ARG E 144 6.76 -24.83 -4.58
N PRO E 145 7.42 -25.07 -5.72
CA PRO E 145 6.91 -24.55 -7.00
C PRO E 145 5.62 -25.27 -7.40
N ILE E 146 4.78 -24.54 -8.12
CA ILE E 146 3.49 -25.05 -8.57
C ILE E 146 3.22 -24.55 -9.98
N ASP E 147 2.48 -25.34 -10.74
CA ASP E 147 2.09 -24.94 -12.08
C ASP E 147 1.04 -23.84 -12.01
N PRO E 148 0.93 -23.02 -13.07
CA PRO E 148 -0.08 -21.96 -13.08
C PRO E 148 -1.47 -22.53 -13.01
N PRO E 149 -2.36 -21.90 -12.25
CA PRO E 149 -3.76 -22.36 -12.20
C PRO E 149 -4.50 -21.99 -13.48
N GLY E 150 -5.58 -22.71 -13.73
CA GLY E 150 -6.35 -22.49 -14.95
C GLY E 150 -7.75 -21.97 -14.74
N ASN E 151 -8.03 -21.45 -13.54
CA ASN E 151 -9.40 -21.05 -13.21
C ASN E 151 -9.84 -19.84 -14.02
N ALA E 152 -8.96 -18.87 -14.22
CA ALA E 152 -9.35 -17.60 -14.84
C ALA E 152 -9.93 -17.77 -16.25
N PRO E 153 -9.31 -18.53 -17.17
CA PRO E 153 -9.95 -18.74 -18.47
C PRO E 153 -11.32 -19.40 -18.36
N ARG E 154 -11.46 -20.38 -17.46
CA ARG E 154 -12.74 -21.05 -17.32
C ARG E 154 -13.82 -20.10 -16.80
N TYR E 155 -13.44 -19.19 -15.90
CA TYR E 155 -14.41 -18.25 -15.34
C TYR E 155 -14.73 -17.11 -16.29
N ARG E 156 -13.79 -16.72 -17.16
CA ARG E 156 -14.13 -15.80 -18.24
C ARG E 156 -15.27 -16.35 -19.08
N ALA E 157 -15.17 -17.62 -19.48
CA ALA E 157 -16.21 -18.23 -20.30
C ALA E 157 -17.49 -18.43 -19.49
N LEU E 158 -17.36 -18.86 -18.24
CA LEU E 158 -18.53 -19.04 -17.39
C LEU E 158 -19.26 -17.72 -17.17
N ALA E 159 -18.50 -16.65 -16.90
CA ALA E 159 -19.11 -15.35 -16.68
C ALA E 159 -19.86 -14.86 -17.91
N GLU E 160 -19.28 -15.06 -19.09
CA GLU E 160 -19.98 -14.66 -20.32
C GLU E 160 -21.27 -15.43 -20.50
N ARG E 161 -21.33 -16.69 -20.05
CA ARG E 161 -22.57 -17.43 -20.12
C ARG E 161 -23.58 -16.93 -19.09
N TYR E 162 -23.10 -16.54 -17.91
CA TYR E 162 -23.99 -15.99 -16.90
C TYR E 162 -24.56 -14.64 -17.30
N ARG E 163 -23.79 -13.85 -18.07
CA ARG E 163 -24.29 -12.57 -18.52
C ARG E 163 -25.44 -12.71 -19.51
N LYS E 164 -25.51 -13.85 -20.21
CA LYS E 164 -26.53 -14.04 -21.23
C LYS E 164 -27.80 -14.70 -20.72
N ALA E 165 -27.70 -15.63 -19.76
CA ALA E 165 -28.82 -16.52 -19.42
C ALA E 165 -28.88 -16.79 -17.91
N LEU E 166 -29.21 -15.75 -17.14
CA LEU E 166 -29.45 -15.88 -15.71
C LEU E 166 -30.75 -15.16 -15.39
N PHE E 167 -31.76 -15.92 -14.94
CA PHE E 167 -33.08 -15.36 -14.66
C PHE E 167 -33.64 -15.95 -13.38
N PRO E 168 -34.28 -15.13 -12.55
CA PRO E 168 -34.97 -15.66 -11.37
C PRO E 168 -36.25 -16.37 -11.75
N VAL E 169 -36.62 -17.35 -10.92
CA VAL E 169 -37.89 -18.06 -11.05
C VAL E 169 -38.56 -18.06 -9.68
N ALA E 170 -39.88 -17.96 -9.67
CA ALA E 170 -40.63 -17.91 -8.42
C ALA E 170 -40.92 -19.30 -7.87
N SER F 4 -33.66 -5.78 4.82
CA SER F 4 -32.43 -5.84 5.61
C SER F 4 -32.70 -6.27 7.05
N VAL F 5 -33.61 -5.57 7.73
CA VAL F 5 -33.99 -5.90 9.10
C VAL F 5 -35.24 -6.77 9.08
N TYR F 6 -35.17 -7.92 9.76
CA TYR F 6 -36.23 -8.91 9.69
C TYR F 6 -36.68 -9.31 11.09
N ARG F 7 -38.00 -9.40 11.26
CA ARG F 7 -38.59 -9.92 12.48
C ARG F 7 -38.83 -11.42 12.35
N PHE F 8 -38.36 -12.17 13.33
CA PHE F 8 -38.62 -13.61 13.43
C PHE F 8 -39.60 -13.83 14.57
N GLU F 9 -40.74 -14.45 14.26
CA GLU F 9 -41.84 -14.60 15.20
C GLU F 9 -42.12 -13.27 15.90
N ASP F 10 -41.95 -13.20 17.22
CA ASP F 10 -42.11 -11.94 17.95
C ASP F 10 -40.79 -11.21 18.18
N LYS F 11 -39.68 -11.75 17.67
CA LYS F 11 -38.36 -11.15 17.90
C LYS F 11 -38.10 -10.12 16.81
N THR F 12 -38.16 -8.85 17.20
CA THR F 12 -37.88 -7.74 16.30
C THR F 12 -36.57 -7.08 16.72
N PRO F 13 -35.62 -6.94 15.80
CA PRO F 13 -34.34 -6.31 16.16
C PRO F 13 -34.54 -4.89 16.70
N ALA F 14 -33.78 -4.56 17.74
CA ALA F 14 -33.80 -3.23 18.35
C ALA F 14 -32.54 -2.50 17.90
N VAL F 15 -32.69 -1.66 16.87
CA VAL F 15 -31.57 -0.97 16.24
C VAL F 15 -31.63 0.50 16.61
N HIS F 16 -30.52 1.01 17.15
CA HIS F 16 -30.44 2.42 17.52
C HIS F 16 -30.42 3.29 16.26
N PRO F 17 -31.07 4.46 16.28
CA PRO F 17 -31.14 5.28 15.06
C PRO F 17 -29.81 5.64 14.45
N THR F 18 -28.74 5.74 15.25
CA THR F 18 -27.43 6.12 14.72
C THR F 18 -26.64 4.94 14.18
N ALA F 19 -27.17 3.71 14.28
CA ALA F 19 -26.46 2.55 13.76
C ALA F 19 -26.56 2.50 12.24
N PHE F 20 -25.50 1.97 11.62
CA PHE F 20 -25.44 1.82 10.16
C PHE F 20 -25.63 0.36 9.81
N ILE F 21 -26.66 0.08 9.02
CA ILE F 21 -26.90 -1.26 8.48
C ILE F 21 -26.73 -1.16 6.97
N ALA F 22 -25.66 -1.78 6.47
CA ALA F 22 -25.35 -1.70 5.06
C ALA F 22 -26.33 -2.50 4.23
N PRO F 23 -26.49 -2.16 2.95
CA PRO F 23 -27.23 -3.03 2.03
C PRO F 23 -26.60 -4.42 2.01
N GLY F 24 -27.46 -5.44 1.91
CA GLY F 24 -27.01 -6.81 1.92
C GLY F 24 -26.73 -7.39 3.28
N ALA F 25 -26.71 -6.57 4.33
CA ALA F 25 -26.68 -7.11 5.68
C ALA F 25 -28.05 -7.66 6.04
N TYR F 26 -28.07 -8.68 6.88
CA TYR F 26 -29.32 -9.26 7.37
C TYR F 26 -29.26 -9.34 8.89
N VAL F 27 -30.10 -8.54 9.54
CA VAL F 27 -30.25 -8.52 10.99
C VAL F 27 -31.60 -9.11 11.30
N VAL F 28 -31.61 -10.28 11.94
CA VAL F 28 -32.80 -11.12 12.02
C VAL F 28 -33.05 -11.52 13.47
N GLY F 29 -34.29 -11.33 13.93
CA GLY F 29 -34.73 -11.88 15.19
C GLY F 29 -34.35 -11.09 16.43
N ALA F 30 -33.92 -11.80 17.48
CA ALA F 30 -33.63 -11.21 18.78
C ALA F 30 -32.22 -10.64 18.77
N VAL F 31 -32.12 -9.41 18.23
CA VAL F 31 -30.85 -8.73 18.08
C VAL F 31 -30.99 -7.31 18.62
N GLU F 32 -29.95 -6.84 19.31
CA GLU F 32 -29.86 -5.46 19.76
C GLU F 32 -28.61 -4.84 19.16
N VAL F 33 -28.77 -3.67 18.55
CA VAL F 33 -27.68 -2.96 17.89
C VAL F 33 -27.59 -1.57 18.51
N GLY F 34 -26.48 -1.29 19.19
CA GLY F 34 -26.33 -0.07 19.94
C GLY F 34 -25.96 1.13 19.09
N GLU F 35 -25.86 2.28 19.74
CA GLU F 35 -25.57 3.53 19.04
C GLU F 35 -24.18 3.47 18.43
N GLY F 36 -24.03 4.09 17.26
CA GLY F 36 -22.74 4.11 16.61
C GLY F 36 -22.23 2.76 16.14
N ALA F 37 -23.04 1.71 16.25
CA ALA F 37 -22.64 0.41 15.73
C ALA F 37 -22.85 0.36 14.21
N SER F 38 -22.21 -0.61 13.58
CA SER F 38 -22.32 -0.75 12.14
C SER F 38 -22.24 -2.21 11.75
N ILE F 39 -23.12 -2.61 10.82
CA ILE F 39 -23.17 -3.96 10.29
C ILE F 39 -23.07 -3.83 8.77
N TRP F 40 -22.02 -4.41 8.21
CA TRP F 40 -21.58 -4.06 6.86
C TRP F 40 -22.08 -5.08 5.83
N PHE F 41 -21.66 -4.88 4.58
CA PHE F 41 -22.23 -5.58 3.44
C PHE F 41 -22.08 -7.09 3.58
N GLY F 42 -23.19 -7.80 3.45
CA GLY F 42 -23.17 -9.25 3.48
C GLY F 42 -23.07 -9.87 4.86
N ALA F 43 -22.94 -9.06 5.91
CA ALA F 43 -22.92 -9.61 7.25
C ALA F 43 -24.30 -10.16 7.62
N VAL F 44 -24.31 -11.21 8.43
CA VAL F 44 -25.54 -11.81 8.92
C VAL F 44 -25.49 -11.82 10.44
N VAL F 45 -26.48 -11.20 11.07
CA VAL F 45 -26.63 -11.19 12.52
C VAL F 45 -28.00 -11.74 12.82
N ARG F 46 -28.04 -12.98 13.31
CA ARG F 46 -29.28 -13.72 13.47
C ARG F 46 -29.43 -14.20 14.91
N GLY F 47 -30.57 -13.88 15.52
CA GLY F 47 -30.86 -14.33 16.86
C GLY F 47 -32.20 -15.03 16.95
N ASP F 48 -32.18 -16.34 17.20
CA ASP F 48 -33.41 -17.10 17.34
C ASP F 48 -33.32 -18.11 18.48
N LEU F 49 -32.36 -19.04 18.40
CA LEU F 49 -32.14 -19.97 19.50
C LEU F 49 -31.73 -19.27 20.78
N GLU F 50 -31.16 -18.07 20.67
CA GLU F 50 -30.65 -17.30 21.80
C GLU F 50 -30.31 -15.91 21.28
N ARG F 51 -30.34 -14.93 22.19
CA ARG F 51 -30.24 -13.54 21.77
C ARG F 51 -28.82 -13.19 21.31
N VAL F 52 -28.71 -12.10 20.57
CA VAL F 52 -27.45 -11.55 20.10
C VAL F 52 -27.44 -10.05 20.39
N VAL F 53 -26.30 -9.55 20.89
CA VAL F 53 -26.16 -8.15 21.25
C VAL F 53 -24.94 -7.57 20.54
N VAL F 54 -25.15 -6.47 19.81
CA VAL F 54 -24.09 -5.71 19.18
C VAL F 54 -23.98 -4.40 19.95
N GLY F 55 -22.94 -4.27 20.77
CA GLY F 55 -22.79 -3.14 21.65
C GLY F 55 -22.58 -1.83 20.92
N PRO F 56 -22.62 -0.72 21.66
CA PRO F 56 -22.41 0.59 21.03
C PRO F 56 -21.02 0.70 20.41
N GLY F 57 -20.96 1.37 19.25
CA GLY F 57 -19.69 1.57 18.59
C GLY F 57 -19.02 0.31 18.10
N THR F 58 -19.76 -0.79 17.97
CA THR F 58 -19.21 -2.07 17.53
C THR F 58 -19.53 -2.29 16.06
N ASN F 59 -18.49 -2.60 15.28
CA ASN F 59 -18.63 -2.82 13.85
C ASN F 59 -18.55 -4.31 13.54
N VAL F 60 -19.52 -4.80 12.78
CA VAL F 60 -19.56 -6.18 12.28
C VAL F 60 -19.30 -6.08 10.78
N GLN F 61 -18.09 -6.44 10.37
CA GLN F 61 -17.63 -6.09 9.03
C GLN F 61 -18.19 -7.05 7.99
N ASP F 62 -17.78 -6.83 6.74
CA ASP F 62 -18.44 -7.46 5.59
C ASP F 62 -18.31 -8.97 5.63
N GLY F 63 -19.44 -9.66 5.40
CA GLY F 63 -19.45 -11.10 5.35
C GLY F 63 -19.33 -11.81 6.68
N ALA F 64 -19.27 -11.08 7.79
CA ALA F 64 -19.20 -11.72 9.10
C ALA F 64 -20.56 -12.31 9.47
N VAL F 65 -20.53 -13.29 10.37
CA VAL F 65 -21.75 -13.94 10.84
C VAL F 65 -21.76 -13.94 12.36
N LEU F 66 -22.87 -13.49 12.94
CA LEU F 66 -23.13 -13.62 14.36
C LEU F 66 -24.32 -14.56 14.56
N HIS F 67 -24.20 -15.47 15.52
CA HIS F 67 -25.31 -16.35 15.87
C HIS F 67 -25.11 -16.81 17.31
N ALA F 68 -26.18 -17.36 17.88
CA ALA F 68 -26.15 -17.80 19.27
C ALA F 68 -26.89 -19.11 19.39
N ASP F 69 -26.41 -19.95 20.31
CA ASP F 69 -26.96 -21.26 20.59
C ASP F 69 -27.69 -21.27 21.93
N PRO F 70 -28.54 -22.26 22.18
CA PRO F 70 -29.22 -22.34 23.49
C PRO F 70 -28.22 -22.32 24.63
N GLY F 71 -28.46 -21.43 25.59
CA GLY F 71 -27.58 -21.24 26.72
C GLY F 71 -26.34 -20.43 26.44
N PHE F 72 -26.08 -20.07 25.18
CA PHE F 72 -24.89 -19.32 24.80
C PHE F 72 -25.28 -18.09 24.00
N PRO F 73 -25.58 -16.98 24.67
CA PRO F 73 -25.86 -15.73 23.95
C PRO F 73 -24.59 -15.14 23.37
N CYS F 74 -24.71 -14.56 22.18
CA CYS F 74 -23.59 -13.88 21.53
C CYS F 74 -23.63 -12.41 21.93
N LEU F 75 -22.72 -12.02 22.82
CA LEU F 75 -22.73 -10.70 23.44
C LEU F 75 -21.45 -9.96 23.05
N LEU F 76 -21.59 -8.97 22.18
CA LEU F 76 -20.47 -8.11 21.77
C LEU F 76 -20.51 -6.84 22.61
N GLY F 77 -19.44 -6.59 23.36
CA GLY F 77 -19.34 -5.38 24.13
C GLY F 77 -19.20 -4.16 23.24
N PRO F 78 -19.13 -2.99 23.87
CA PRO F 78 -18.96 -1.76 23.11
C PRO F 78 -17.57 -1.66 22.50
N GLU F 79 -17.48 -0.94 21.39
CA GLU F 79 -16.22 -0.65 20.71
C GLU F 79 -15.48 -1.93 20.30
N VAL F 80 -16.23 -2.97 19.94
CA VAL F 80 -15.68 -4.24 19.50
C VAL F 80 -15.59 -4.22 17.97
N THR F 81 -14.54 -4.83 17.43
CA THR F 81 -14.39 -4.99 15.99
C THR F 81 -14.47 -6.48 15.65
N VAL F 82 -15.37 -6.82 14.73
CA VAL F 82 -15.47 -8.16 14.16
C VAL F 82 -15.06 -8.05 12.70
N GLY F 83 -13.88 -8.57 12.38
CA GLY F 83 -13.30 -8.38 11.07
C GLY F 83 -14.07 -9.08 9.96
N HIS F 84 -13.69 -8.75 8.72
CA HIS F 84 -14.33 -9.33 7.55
C HIS F 84 -14.37 -10.85 7.65
N ARG F 85 -15.52 -11.43 7.33
CA ARG F 85 -15.69 -12.87 7.19
C ARG F 85 -15.46 -13.63 8.51
N ALA F 86 -15.38 -12.92 9.63
CA ALA F 86 -15.25 -13.61 10.91
C ALA F 86 -16.60 -14.21 11.33
N VAL F 87 -16.54 -15.21 12.19
CA VAL F 87 -17.73 -15.81 12.76
C VAL F 87 -17.59 -15.83 14.27
N VAL F 88 -18.55 -15.21 14.97
CA VAL F 88 -18.62 -15.21 16.42
C VAL F 88 -19.93 -15.88 16.82
N HIS F 89 -19.83 -16.99 17.56
CA HIS F 89 -20.99 -17.82 17.84
C HIS F 89 -21.13 -18.04 19.34
N GLY F 90 -22.18 -17.48 19.93
CA GLY F 90 -22.49 -17.75 21.32
C GLY F 90 -21.37 -17.41 22.29
N ALA F 91 -20.60 -16.37 21.98
CA ALA F 91 -19.44 -16.01 22.77
C ALA F 91 -19.60 -14.59 23.31
N VAL F 92 -18.76 -14.27 24.29
CA VAL F 92 -18.72 -12.97 24.92
C VAL F 92 -17.44 -12.27 24.48
N VAL F 93 -17.58 -11.11 23.85
CA VAL F 93 -16.45 -10.31 23.39
C VAL F 93 -16.52 -8.98 24.13
N GLU F 94 -15.52 -8.72 24.96
CA GLU F 94 -15.55 -7.56 25.84
C GLU F 94 -14.98 -6.32 25.13
N GLU F 95 -15.17 -5.17 25.79
CA GLU F 95 -14.93 -3.87 25.16
C GLU F 95 -13.53 -3.74 24.58
N GLY F 96 -13.45 -3.20 23.36
CA GLY F 96 -12.18 -2.89 22.74
C GLY F 96 -11.51 -4.05 22.03
N ALA F 97 -12.07 -5.26 22.10
CA ALA F 97 -11.42 -6.42 21.50
C ALA F 97 -11.59 -6.42 19.99
N LEU F 98 -10.76 -7.23 19.32
CA LEU F 98 -10.83 -7.39 17.87
C LEU F 98 -10.84 -8.87 17.53
N VAL F 99 -11.89 -9.30 16.83
CA VAL F 99 -11.93 -10.61 16.19
C VAL F 99 -11.46 -10.42 14.76
N GLY F 100 -10.29 -10.98 14.44
CA GLY F 100 -9.66 -10.74 13.16
C GLY F 100 -10.39 -11.39 12.00
N MET F 101 -10.00 -10.97 10.80
CA MET F 101 -10.64 -11.44 9.58
C MET F 101 -10.62 -12.97 9.49
N GLY F 102 -11.74 -13.54 9.09
CA GLY F 102 -11.83 -14.97 8.89
C GLY F 102 -11.70 -15.82 10.14
N ALA F 103 -11.52 -15.20 11.30
CA ALA F 103 -11.43 -15.97 12.54
C ALA F 103 -12.80 -16.57 12.89
N VAL F 104 -12.77 -17.54 13.80
CA VAL F 104 -13.97 -18.19 14.30
C VAL F 104 -13.90 -18.26 15.81
N VAL F 105 -14.94 -17.77 16.50
CA VAL F 105 -15.01 -17.77 17.95
C VAL F 105 -16.27 -18.54 18.36
N LEU F 106 -16.09 -19.61 19.12
CA LEU F 106 -17.14 -20.60 19.33
C LEU F 106 -17.81 -20.43 20.70
N ASN F 107 -18.79 -21.31 20.95
CA ASN F 107 -19.72 -21.14 22.07
C ASN F 107 -19.01 -21.06 23.41
N GLY F 108 -19.40 -20.08 24.21
CA GLY F 108 -18.88 -19.94 25.56
C GLY F 108 -17.47 -19.40 25.66
N ALA F 109 -16.84 -19.05 24.54
CA ALA F 109 -15.55 -18.39 24.61
C ALA F 109 -15.73 -16.97 25.15
N ARG F 110 -14.64 -16.44 25.71
CA ARG F 110 -14.62 -15.07 26.21
C ARG F 110 -13.38 -14.38 25.66
N ILE F 111 -13.58 -13.24 24.99
CA ILE F 111 -12.48 -12.41 24.52
C ILE F 111 -12.41 -11.19 25.44
N GLY F 112 -11.32 -11.07 26.18
CA GLY F 112 -11.18 -10.00 27.14
C GLY F 112 -11.01 -8.64 26.49
N LYS F 113 -11.00 -7.61 27.35
CA LYS F 113 -10.87 -6.23 26.88
C LYS F 113 -9.60 -6.05 26.07
N ASN F 114 -9.74 -5.41 24.91
CA ASN F 114 -8.63 -5.05 24.02
C ASN F 114 -7.80 -6.26 23.58
N ALA F 115 -8.29 -7.47 23.81
CA ALA F 115 -7.60 -8.65 23.28
C ALA F 115 -7.82 -8.73 21.77
N VAL F 116 -6.93 -9.46 21.09
CA VAL F 116 -6.96 -9.58 19.65
C VAL F 116 -6.95 -11.05 19.28
N VAL F 117 -7.97 -11.49 18.55
CA VAL F 117 -7.97 -12.80 17.93
C VAL F 117 -7.32 -12.68 16.57
N GLY F 118 -6.29 -13.49 16.33
CA GLY F 118 -5.58 -13.42 15.06
C GLY F 118 -6.49 -13.74 13.90
N ALA F 119 -6.15 -13.19 12.74
CA ALA F 119 -6.90 -13.48 11.52
C ALA F 119 -6.85 -14.96 11.21
N GLY F 120 -8.03 -15.55 10.97
CA GLY F 120 -8.12 -16.96 10.67
C GLY F 120 -7.97 -17.88 11.86
N ALA F 121 -7.79 -17.35 13.06
CA ALA F 121 -7.68 -18.20 14.24
C ALA F 121 -9.04 -18.80 14.59
N VAL F 122 -9.02 -19.98 15.22
CA VAL F 122 -10.22 -20.65 15.68
C VAL F 122 -10.12 -20.79 17.20
N VAL F 123 -10.98 -20.07 17.92
CA VAL F 123 -10.98 -20.09 19.37
C VAL F 123 -11.96 -21.17 19.82
N PRO F 124 -11.50 -22.26 20.44
CA PRO F 124 -12.38 -23.38 20.78
C PRO F 124 -13.46 -22.96 21.77
N PRO F 125 -14.51 -23.76 21.91
CA PRO F 125 -15.57 -23.42 22.87
C PRO F 125 -15.02 -23.28 24.28
N GLY F 126 -15.47 -22.23 24.98
CA GLY F 126 -15.12 -22.01 26.36
C GLY F 126 -13.75 -21.41 26.60
N MET F 127 -12.91 -21.31 25.58
CA MET F 127 -11.58 -20.75 25.78
C MET F 127 -11.66 -19.29 26.18
N GLU F 128 -10.79 -18.87 27.10
CA GLU F 128 -10.73 -17.49 27.57
C GLU F 128 -9.45 -16.86 27.03
N VAL F 129 -9.60 -15.74 26.33
CA VAL F 129 -8.47 -14.92 25.90
C VAL F 129 -8.39 -13.73 26.86
N PRO F 130 -7.39 -13.66 27.72
CA PRO F 130 -7.36 -12.60 28.74
C PRO F 130 -7.21 -11.23 28.12
N GLU F 131 -7.56 -10.22 28.93
CA GLU F 131 -7.49 -8.83 28.49
C GLU F 131 -6.11 -8.48 27.95
N GLY F 132 -6.09 -7.79 26.81
CA GLY F 132 -4.85 -7.27 26.26
C GLY F 132 -3.88 -8.30 25.73
N ARG F 133 -4.36 -9.48 25.35
CA ARG F 133 -3.49 -10.54 24.87
C ARG F 133 -3.91 -10.98 23.47
N LEU F 134 -2.94 -11.49 22.71
CA LEU F 134 -3.15 -11.95 21.35
C LEU F 134 -3.33 -13.46 21.34
N ALA F 135 -4.35 -13.93 20.62
CA ALA F 135 -4.60 -15.35 20.44
C ALA F 135 -4.61 -15.66 18.94
N LEU F 136 -3.85 -16.68 18.55
CA LEU F 136 -3.80 -17.06 17.14
C LEU F 136 -3.55 -18.55 17.00
N GLY F 137 -3.86 -19.06 15.82
CA GLY F 137 -3.66 -20.45 15.47
C GLY F 137 -4.97 -21.20 15.33
N VAL F 138 -4.85 -22.39 14.74
CA VAL F 138 -5.98 -23.30 14.63
C VAL F 138 -5.57 -24.64 15.26
N PRO F 139 -5.97 -24.87 16.52
CA PRO F 139 -6.78 -23.95 17.33
C PRO F 139 -5.95 -22.82 17.97
N ALA F 140 -6.63 -21.82 18.51
CA ALA F 140 -5.97 -20.61 18.96
C ALA F 140 -5.24 -20.84 20.28
N ARG F 141 -4.11 -20.13 20.44
CA ARG F 141 -3.36 -20.12 21.68
C ARG F 141 -3.08 -18.67 22.07
N VAL F 142 -3.09 -18.40 23.38
CA VAL F 142 -2.64 -17.11 23.89
C VAL F 142 -1.12 -17.09 23.83
N VAL F 143 -0.55 -16.10 23.14
CA VAL F 143 0.86 -16.11 22.79
C VAL F 143 1.62 -14.92 23.39
N ARG F 144 1.02 -13.73 23.40
CA ARG F 144 1.78 -12.54 23.76
C ARG F 144 0.81 -11.42 24.10
N PRO F 145 1.23 -10.44 24.89
CA PRO F 145 0.44 -9.22 25.04
C PRO F 145 0.53 -8.36 23.78
N ILE F 146 -0.58 -7.70 23.46
CA ILE F 146 -0.69 -6.96 22.21
C ILE F 146 -1.28 -5.59 22.48
N ASP F 147 -0.86 -4.61 21.68
CA ASP F 147 -1.40 -3.26 21.79
C ASP F 147 -2.89 -3.25 21.46
N PRO F 148 -3.66 -2.36 22.07
CA PRO F 148 -5.10 -2.29 21.78
C PRO F 148 -5.34 -1.89 20.33
N PRO F 149 -6.30 -2.52 19.67
CA PRO F 149 -6.61 -2.13 18.28
C PRO F 149 -7.44 -0.86 18.24
N GLY F 150 -7.27 -0.11 17.16
CA GLY F 150 -7.98 1.14 17.01
C GLY F 150 -8.98 1.15 15.87
N ASN F 151 -9.50 -0.03 15.51
CA ASN F 151 -10.42 -0.13 14.39
C ASN F 151 -11.78 0.44 14.73
N ALA F 152 -12.29 0.16 15.94
CA ALA F 152 -13.62 0.62 16.31
C ALA F 152 -13.81 2.13 16.18
N PRO F 153 -12.89 2.99 16.65
CA PRO F 153 -13.06 4.42 16.38
C PRO F 153 -13.01 4.76 14.89
N ARG F 154 -12.15 4.08 14.13
CA ARG F 154 -12.09 4.32 12.69
C ARG F 154 -13.39 3.95 12.00
N TYR F 155 -14.09 2.94 12.51
CA TYR F 155 -15.34 2.53 11.88
C TYR F 155 -16.54 3.33 12.33
N ARG F 156 -16.55 3.80 13.59
CA ARG F 156 -17.54 4.78 14.01
C ARG F 156 -17.59 5.94 13.01
N ALA F 157 -16.42 6.46 12.64
CA ALA F 157 -16.35 7.57 11.69
C ALA F 157 -16.76 7.12 10.30
N LEU F 158 -16.23 5.99 9.83
CA LEU F 158 -16.56 5.50 8.49
C LEU F 158 -18.04 5.17 8.38
N ALA F 159 -18.62 4.59 9.43
CA ALA F 159 -20.06 4.32 9.42
C ALA F 159 -20.84 5.61 9.32
N GLU F 160 -20.41 6.65 10.04
CA GLU F 160 -21.08 7.93 9.92
C GLU F 160 -21.05 8.42 8.47
N ARG F 161 -19.87 8.45 7.85
CA ARG F 161 -19.77 8.84 6.44
C ARG F 161 -20.68 8.00 5.54
N TYR F 162 -20.86 6.72 5.87
CA TYR F 162 -21.71 5.87 5.04
C TYR F 162 -23.18 6.18 5.24
N ARG F 163 -23.58 6.52 6.47
CA ARG F 163 -24.97 6.89 6.73
C ARG F 163 -25.40 8.14 5.99
N LYS F 164 -24.46 9.03 5.64
CA LYS F 164 -24.78 10.28 4.95
C LYS F 164 -24.57 10.25 3.45
N ALA F 165 -23.79 9.32 2.92
CA ALA F 165 -23.35 9.43 1.53
C ALA F 165 -23.16 8.06 0.89
N LEU F 166 -24.14 7.18 1.05
CA LEU F 166 -24.17 5.90 0.35
C LEU F 166 -25.32 5.94 -0.66
N PHE F 167 -25.00 5.73 -1.94
CA PHE F 167 -25.95 5.89 -3.02
C PHE F 167 -25.99 4.64 -3.89
N PRO F 168 -27.06 3.86 -3.85
CA PRO F 168 -27.22 2.79 -4.86
C PRO F 168 -27.24 3.39 -6.26
N VAL F 169 -26.51 2.74 -7.17
CA VAL F 169 -26.36 3.22 -8.53
C VAL F 169 -26.63 2.05 -9.48
N ALA F 170 -27.71 2.14 -10.24
CA ALA F 170 -27.93 1.22 -11.34
C ALA F 170 -26.98 1.58 -12.48
N THR F 171 -26.15 0.63 -12.87
CA THR F 171 -25.16 0.88 -13.92
C THR F 171 -25.60 0.28 -15.24
ZN ZN G . 18.55 25.88 5.38
P PO4 H . 19.58 28.73 4.74
O1 PO4 H . 18.34 28.64 3.88
O2 PO4 H . 19.34 29.67 5.91
O3 PO4 H . 20.72 29.27 3.91
O4 PO4 H . 19.93 27.37 5.27
P PO4 I . 5.42 6.89 -1.83
O1 PO4 I . 4.36 5.83 -1.99
O2 PO4 I . 5.13 7.70 -0.59
O3 PO4 I . 5.42 7.80 -3.04
O4 PO4 I . 6.76 6.21 -1.70
ZN ZN J . 26.07 16.82 -15.46
ZN ZN K . 7.91 6.45 -3.39
P PO4 L . 25.60 15.43 -18.13
O1 PO4 L . 24.65 14.32 -18.52
O2 PO4 L . 26.54 14.93 -17.07
O3 PO4 L . 26.39 15.85 -19.35
O4 PO4 L . 24.81 16.61 -17.61
ZN ZN M . -15.96 -23.45 -7.24
P PO4 N . -13.45 -23.28 -8.96
O1 PO4 N . -13.44 -24.35 -10.03
O2 PO4 N . -14.86 -22.77 -8.81
O3 PO4 N . -12.53 -22.15 -9.37
O4 PO4 N . -12.96 -23.85 -7.65
P PO4 O . -25.69 -24.08 15.03
O1 PO4 O . -25.85 -25.22 14.06
O2 PO4 O . -26.37 -22.85 14.50
O3 PO4 O . -24.22 -23.80 15.24
O4 PO4 O . -26.32 -24.47 16.35
ZN ZN P . -10.97 -3.99 5.94
P PO4 Q . -10.09 -2.89 8.60
O1 PO4 Q . -11.17 -2.56 7.59
O2 PO4 Q . -10.67 -2.94 9.98
O3 PO4 Q . -9.49 -4.23 8.25
O4 PO4 Q . -9.03 -1.83 8.54
ZN ZN R . -25.23 -21.11 14.73
#